data_4G37
#
_entry.id   4G37
#
_cell.length_a   75.638
_cell.length_b   184.091
_cell.length_c   170.530
_cell.angle_alpha   90.00
_cell.angle_beta   90.00
_cell.angle_gamma   90.00
#
_symmetry.space_group_name_H-M   'C 2 2 21'
#
loop_
_entity.id
_entity.type
_entity.pdbx_description
1 polymer 'Luciferin 4-monooxygenase'
2 non-polymer "5'-O-[N-(DEHYDROLUCIFERYL)-SULFAMOYL] ADENOSINE"
3 non-polymer "4,4'-(ethylenediimino)bis[4-oxobutyrate]"
4 non-polymer 'SULFATE ION'
5 non-polymer 'CHLORIDE ION'
6 water water
#
_entity_poly.entity_id   1
_entity_poly.type   'polypeptide(L)'
_entity_poly.pdbx_seq_one_letter_code
;GPLGSMEDAKNIKKGPAPFYPLEDGTAGEQLHKAMKRYALVPGTIAFTDAHIEVNITYAEYFEMSVRLAEAMKRYGLNTN
HRIVVSSENSLQFFMPVLGALFIGVAVAPANDCYNERELLNSMNISQPTVVFVSKKGLQKILNVQKKLPIIQKIIIMDSK
TDYQGFQSMYTFVTSHLPPGFNEYDFVPESFDRDKTIALIMNSSGSTGLPKGVALPHRALAVRFSHARDPIFGNQIAPDT
AILSVVPFHHGFGMFTTLGYLISGFRVVLMYRFEEELFLRSLQDYKIQSALLVPTLFSFLAKSTLIDKYDLSNLHEIASG
GAPLSKEVGEAVAKRFHLPGIRQGYGLTETTSAILITPKGDDKPGAVGKVVPFFEAKVVDLDTGKTLGVNQRGELSVRGP
MIMSGYVNNPEATNALIDKDGWLHSGDIAYWDEDEHFFIVDRLKSLIKYKGCQVAPAELESILLQHPNIFDAGVAGLPDD
DAGELPAAVVVLEHGKTMTEKEIVDYVASQVTTAKKLRGGVVFVDEVPKGLTGKLDARKIREILIKAKKGGKSKL
;
_entity_poly.pdbx_strand_id   A,B
#
loop_
_chem_comp.id
_chem_comp.type
_chem_comp.name
_chem_comp.formula
CL non-polymer 'CHLORIDE ION' 'Cl -1'
SLU non-polymer '5'-O-[N-(DEHYDROLUCIFERYL)-SULFAMOYL] ADENOSINE' 'C21 H18 N8 O8 S3'
SO4 non-polymer 'SULFATE ION' 'O4 S -2'
XLX non-polymer 4,4'-(ethylenediimino)bis[4-oxobutyrate] 'C11 H18 N2 O6'
#
# COMPACT_ATOMS: atom_id res chain seq x y z
N ALA A 9 -11.29 -24.57 -17.18
CA ALA A 9 -11.01 -23.23 -16.65
C ALA A 9 -9.76 -22.61 -17.27
N LYS A 10 -9.17 -23.31 -18.24
CA LYS A 10 -7.98 -22.79 -18.91
C LYS A 10 -8.38 -21.70 -19.92
N ASN A 11 -9.66 -21.69 -20.29
CA ASN A 11 -10.18 -20.70 -21.23
C ASN A 11 -10.82 -19.50 -20.52
N ILE A 12 -10.82 -19.51 -19.21
CA ILE A 12 -11.21 -18.32 -18.48
C ILE A 12 -9.93 -17.65 -17.98
N LYS A 13 -9.71 -16.40 -18.39
CA LYS A 13 -8.57 -15.62 -17.93
C LYS A 13 -8.96 -14.88 -16.65
N LYS A 14 -8.11 -14.98 -15.63
CA LYS A 14 -8.39 -14.39 -14.32
C LYS A 14 -7.26 -13.45 -13.94
N GLY A 15 -7.61 -12.35 -13.30
CA GLY A 15 -6.60 -11.50 -12.70
C GLY A 15 -5.82 -12.22 -11.61
N PRO A 16 -4.61 -11.74 -11.33
CA PRO A 16 -3.90 -12.30 -10.18
C PRO A 16 -4.44 -11.67 -8.91
N ALA A 17 -4.01 -12.19 -7.76
CA ALA A 17 -4.32 -11.56 -6.48
C ALA A 17 -3.72 -10.16 -6.49
N PRO A 18 -4.38 -9.19 -5.82
CA PRO A 18 -3.94 -7.79 -5.91
C PRO A 18 -2.57 -7.55 -5.29
N PHE A 19 -1.82 -6.61 -5.86
CA PHE A 19 -0.47 -6.28 -5.43
C PHE A 19 -0.53 -5.17 -4.40
N TYR A 20 -1.67 -4.48 -4.38
CA TYR A 20 -2.03 -3.60 -3.30
C TYR A 20 -3.39 -4.09 -2.76
N PRO A 21 -3.46 -4.36 -1.44
CA PRO A 21 -4.63 -5.07 -0.91
C PRO A 21 -5.90 -4.24 -0.99
N LEU A 22 -7.05 -4.92 -0.99
CA LEU A 22 -8.35 -4.26 -0.81
C LEU A 22 -8.43 -3.66 0.60
N GLU A 23 -8.91 -2.43 0.71
CA GLU A 23 -9.04 -1.72 2.00
C GLU A 23 -10.47 -1.77 2.55
N ASP A 24 -10.60 -1.77 3.87
CA ASP A 24 -11.89 -1.81 4.55
C ASP A 24 -12.66 -0.52 4.36
N GLY A 25 -13.99 -0.62 4.45
CA GLY A 25 -14.80 0.58 4.59
C GLY A 25 -15.27 1.17 3.28
N THR A 26 -16.18 2.13 3.37
CA THR A 26 -16.79 2.73 2.19
C THR A 26 -15.72 3.45 1.37
N ALA A 27 -16.06 3.84 0.15
CA ALA A 27 -15.07 4.56 -0.65
C ALA A 27 -14.87 5.95 -0.09
N GLY A 28 -15.92 6.50 0.51
CA GLY A 28 -15.84 7.78 1.21
C GLY A 28 -14.85 7.74 2.37
N GLU A 29 -14.98 6.73 3.24
CA GLU A 29 -14.03 6.51 4.33
C GLU A 29 -12.59 6.42 3.83
N GLN A 30 -12.39 5.64 2.77
CA GLN A 30 -11.06 5.45 2.24
C GLN A 30 -10.51 6.76 1.68
N LEU A 31 -11.35 7.51 0.98
CA LEU A 31 -10.89 8.78 0.42
C LEU A 31 -10.55 9.75 1.54
N HIS A 32 -11.44 9.80 2.53
CA HIS A 32 -11.31 10.74 3.62
C HIS A 32 -10.06 10.42 4.43
N LYS A 33 -9.93 9.14 4.79
CA LYS A 33 -8.79 8.68 5.56
C LYS A 33 -7.48 9.08 4.86
N ALA A 34 -7.44 8.91 3.55
CA ALA A 34 -6.22 9.21 2.82
C ALA A 34 -5.95 10.71 2.64
N MET A 35 -6.99 11.49 2.33
CA MET A 35 -6.80 12.92 2.07
C MET A 35 -6.56 13.69 3.36
N LYS A 36 -7.17 13.23 4.45
CA LYS A 36 -6.90 13.82 5.76
C LYS A 36 -5.42 13.76 6.07
N ARG A 37 -4.77 12.74 5.53
CA ARG A 37 -3.36 12.52 5.75
C ARG A 37 -2.55 13.51 4.92
N TYR A 38 -2.84 13.55 3.61
CA TYR A 38 -2.16 14.45 2.68
C TYR A 38 -2.33 15.89 3.11
N ALA A 39 -3.47 16.16 3.73
CA ALA A 39 -3.86 17.51 4.13
C ALA A 39 -3.01 18.03 5.28
N LEU A 40 -2.27 17.12 5.90
CA LEU A 40 -1.44 17.50 7.04
C LEU A 40 0.01 17.62 6.61
N VAL A 41 0.27 17.29 5.36
CA VAL A 41 1.62 17.40 4.81
C VAL A 41 1.70 18.68 3.98
N PRO A 42 2.37 19.70 4.53
CA PRO A 42 2.44 21.06 3.96
C PRO A 42 2.82 21.08 2.48
N GLY A 43 2.10 21.93 1.73
CA GLY A 43 2.39 22.18 0.34
C GLY A 43 2.05 21.04 -0.62
N THR A 44 1.35 20.02 -0.14
CA THR A 44 0.86 18.98 -1.05
C THR A 44 -0.31 19.54 -1.88
N ILE A 45 -0.13 19.52 -3.19
CA ILE A 45 -1.11 20.07 -4.10
C ILE A 45 -1.96 18.93 -4.63
N ALA A 46 -3.29 19.13 -4.67
CA ALA A 46 -4.20 18.12 -5.19
C ALA A 46 -4.53 18.31 -6.68
N PHE A 47 -4.87 19.54 -7.04
CA PHE A 47 -5.23 19.86 -8.42
C PHE A 47 -4.50 21.11 -8.91
N THR A 48 -4.05 21.06 -10.15
CA THR A 48 -3.49 22.23 -10.79
C THR A 48 -4.19 22.44 -12.12
N ASP A 49 -4.67 23.65 -12.35
CA ASP A 49 -5.12 24.04 -13.68
C ASP A 49 -3.88 24.51 -14.45
N ALA A 50 -3.54 23.82 -15.53
CA ALA A 50 -2.32 24.17 -16.26
C ALA A 50 -2.50 25.46 -17.07
N HIS A 51 -3.73 25.74 -17.50
CA HIS A 51 -4.04 26.96 -18.25
C HIS A 51 -3.75 28.26 -17.47
N ILE A 52 -4.28 28.36 -16.24
CA ILE A 52 -4.22 29.62 -15.48
C ILE A 52 -3.24 29.61 -14.29
N GLU A 53 -2.42 28.57 -14.18
CA GLU A 53 -1.41 28.49 -13.11
C GLU A 53 -1.98 28.61 -11.68
N VAL A 54 -3.12 27.95 -11.46
CA VAL A 54 -3.75 27.97 -10.14
C VAL A 54 -3.76 26.60 -9.48
N ASN A 55 -3.32 26.53 -8.21
CA ASN A 55 -3.29 25.28 -7.49
C ASN A 55 -4.24 25.27 -6.30
N ILE A 56 -4.73 24.08 -5.96
CA ILE A 56 -5.42 23.87 -4.70
C ILE A 56 -4.70 22.77 -3.94
N THR A 57 -4.34 23.06 -2.70
CA THR A 57 -3.66 22.10 -1.87
C THR A 57 -4.61 20.99 -1.46
N TYR A 58 -4.04 19.86 -1.04
CA TYR A 58 -4.81 18.79 -0.43
C TYR A 58 -5.51 19.29 0.82
N ALA A 59 -4.80 20.09 1.62
CA ALA A 59 -5.38 20.67 2.83
C ALA A 59 -6.69 21.38 2.51
N GLU A 60 -6.60 22.28 1.54
CA GLU A 60 -7.74 23.06 1.12
C GLU A 60 -8.82 22.15 0.53
N TYR A 61 -8.41 21.25 -0.37
CA TYR A 61 -9.36 20.32 -1.00
C TYR A 61 -10.09 19.50 0.04
N PHE A 62 -9.34 18.99 1.02
CA PHE A 62 -9.90 18.14 2.04
C PHE A 62 -10.86 18.93 2.91
N GLU A 63 -10.51 20.16 3.22
CA GLU A 63 -11.31 21.00 4.11
C GLU A 63 -12.63 21.34 3.43
N MET A 64 -12.56 21.73 2.16
CA MET A 64 -13.76 22.13 1.44
C MET A 64 -14.72 20.96 1.21
N SER A 65 -14.16 19.78 1.02
CA SER A 65 -14.97 18.59 0.76
C SER A 65 -15.67 18.15 2.04
N VAL A 66 -14.99 18.35 3.16
CA VAL A 66 -15.54 18.06 4.47
C VAL A 66 -16.64 19.08 4.84
N ARG A 67 -16.31 20.37 4.70
CA ARG A 67 -17.33 21.41 4.86
C ARG A 67 -18.57 21.07 4.03
N LEU A 68 -18.34 20.58 2.81
CA LEU A 68 -19.46 20.23 1.93
C LEU A 68 -20.29 19.04 2.42
N ALA A 69 -19.62 18.01 2.93
CA ALA A 69 -20.32 16.82 3.39
C ALA A 69 -21.21 17.10 4.61
N GLU A 70 -20.67 17.85 5.57
CA GLU A 70 -21.41 18.19 6.79
C GLU A 70 -22.60 19.10 6.44
N ALA A 71 -22.33 20.15 5.66
CA ALA A 71 -23.39 21.03 5.14
C ALA A 71 -24.52 20.26 4.47
N MET A 72 -24.16 19.31 3.61
CA MET A 72 -25.16 18.49 2.93
C MET A 72 -25.88 17.61 3.93
N LYS A 73 -25.13 17.10 4.90
CA LYS A 73 -25.73 16.25 5.92
C LYS A 73 -26.72 17.07 6.75
N ARG A 74 -26.36 18.31 7.05
CA ARG A 74 -27.24 19.17 7.82
C ARG A 74 -28.39 19.68 6.98
N TYR A 75 -28.16 19.82 5.68
CA TYR A 75 -29.23 20.22 4.78
C TYR A 75 -30.33 19.16 4.74
N GLY A 76 -29.98 17.92 5.06
CA GLY A 76 -30.96 16.85 5.16
C GLY A 76 -30.67 15.64 4.30
N LEU A 77 -29.58 15.69 3.53
CA LEU A 77 -29.23 14.61 2.61
C LEU A 77 -28.65 13.38 3.31
N ASN A 78 -29.14 12.20 2.92
CA ASN A 78 -28.64 10.92 3.42
C ASN A 78 -28.48 9.91 2.30
N THR A 79 -28.38 8.63 2.64
CA THR A 79 -28.18 7.58 1.64
C THR A 79 -29.36 7.39 0.68
N ASN A 80 -30.51 7.98 1.00
CA ASN A 80 -31.69 7.89 0.14
C ASN A 80 -31.72 8.94 -0.96
N HIS A 81 -30.69 9.78 -1.02
CA HIS A 81 -30.70 10.88 -1.96
C HIS A 81 -29.55 10.87 -2.95
N ARG A 82 -29.67 11.69 -3.97
CA ARG A 82 -28.67 11.77 -5.00
C ARG A 82 -28.36 13.24 -5.21
N ILE A 83 -27.19 13.53 -5.76
CA ILE A 83 -26.94 14.87 -6.29
C ILE A 83 -26.43 14.75 -7.71
N VAL A 84 -26.43 15.88 -8.41
CA VAL A 84 -25.83 15.98 -9.72
C VAL A 84 -24.68 16.95 -9.61
N VAL A 85 -23.62 16.66 -10.33
CA VAL A 85 -22.54 17.60 -10.55
C VAL A 85 -22.49 17.80 -12.06
N SER A 86 -22.93 18.96 -12.51
CA SER A 86 -22.92 19.26 -13.94
C SER A 86 -21.90 20.35 -14.19
N SER A 87 -20.76 20.00 -14.76
CA SER A 87 -19.68 20.99 -14.93
C SER A 87 -18.56 20.48 -15.80
N GLU A 88 -18.04 21.37 -16.65
CA GLU A 88 -16.84 21.09 -17.42
C GLU A 88 -15.70 20.78 -16.45
N ASN A 89 -14.62 20.17 -16.94
CA ASN A 89 -13.48 19.87 -16.08
C ASN A 89 -12.98 21.14 -15.41
N SER A 90 -12.84 21.11 -14.08
CA SER A 90 -12.32 22.24 -13.30
C SER A 90 -11.79 21.85 -11.92
N LEU A 91 -10.98 22.72 -11.33
CA LEU A 91 -10.40 22.51 -10.01
C LEU A 91 -11.42 22.23 -8.91
N GLN A 92 -12.68 22.59 -9.13
CA GLN A 92 -13.68 22.52 -8.07
C GLN A 92 -14.54 21.27 -8.24
N PHE A 93 -14.36 20.62 -9.38
CA PHE A 93 -15.25 19.54 -9.77
C PHE A 93 -15.37 18.47 -8.66
N PHE A 94 -14.23 18.03 -8.14
CA PHE A 94 -14.30 16.95 -7.16
C PHE A 94 -14.84 17.28 -5.77
N MET A 95 -14.95 18.56 -5.45
CA MET A 95 -15.39 18.92 -4.11
C MET A 95 -16.78 18.38 -3.76
N PRO A 96 -17.81 18.64 -4.60
CA PRO A 96 -19.08 17.99 -4.24
C PRO A 96 -19.08 16.46 -4.35
N VAL A 97 -18.28 15.90 -5.26
CA VAL A 97 -18.16 14.45 -5.40
C VAL A 97 -17.62 13.81 -4.10
N LEU A 98 -16.46 14.25 -3.67
CA LEU A 98 -15.88 13.83 -2.40
C LEU A 98 -16.84 14.06 -1.24
N GLY A 99 -17.45 15.24 -1.21
CA GLY A 99 -18.36 15.59 -0.14
C GLY A 99 -19.49 14.59 -0.03
N ALA A 100 -20.11 14.27 -1.17
CA ALA A 100 -21.24 13.36 -1.18
C ALA A 100 -20.79 11.97 -0.82
N LEU A 101 -19.60 11.59 -1.30
CA LEU A 101 -19.07 10.26 -0.99
C LEU A 101 -18.83 10.07 0.51
N PHE A 102 -18.36 11.12 1.17
CA PHE A 102 -18.13 11.06 2.63
C PHE A 102 -19.38 10.72 3.42
N ILE A 103 -20.55 10.99 2.85
CA ILE A 103 -21.78 10.74 3.60
C ILE A 103 -22.75 9.76 2.95
N GLY A 104 -22.36 9.19 1.81
CA GLY A 104 -23.13 8.13 1.20
C GLY A 104 -24.29 8.62 0.35
N VAL A 105 -24.14 9.85 -0.14
CA VAL A 105 -25.08 10.43 -1.07
C VAL A 105 -24.57 10.12 -2.48
N ALA A 106 -25.41 9.48 -3.29
CA ALA A 106 -25.04 9.09 -4.64
C ALA A 106 -24.75 10.31 -5.53
N VAL A 107 -23.61 10.31 -6.21
CA VAL A 107 -23.29 11.36 -7.17
C VAL A 107 -23.63 10.94 -8.60
N ALA A 108 -24.35 11.80 -9.33
CA ALA A 108 -24.74 11.57 -10.73
C ALA A 108 -24.17 12.66 -11.63
N PRO A 109 -22.98 12.41 -12.22
CA PRO A 109 -22.34 13.47 -13.00
C PRO A 109 -23.03 13.65 -14.34
N ALA A 110 -23.28 14.90 -14.72
CA ALA A 110 -23.95 15.16 -15.98
C ALA A 110 -22.94 15.68 -16.97
N ASN A 111 -23.05 15.18 -18.19
CA ASN A 111 -22.16 15.63 -19.25
C ASN A 111 -22.44 17.10 -19.52
N ASP A 112 -21.43 17.96 -19.38
CA ASP A 112 -21.65 19.37 -19.61
C ASP A 112 -22.00 19.69 -21.08
N CYS A 113 -21.81 18.72 -21.99
CA CYS A 113 -22.19 18.87 -23.41
C CYS A 113 -23.68 18.62 -23.71
N TYR A 114 -24.34 17.88 -22.82
CA TYR A 114 -25.77 17.56 -22.93
C TYR A 114 -26.67 18.75 -23.31
N ASN A 115 -27.65 18.50 -24.18
CA ASN A 115 -28.72 19.48 -24.38
C ASN A 115 -29.77 19.31 -23.29
N GLU A 116 -30.81 20.13 -23.35
CA GLU A 116 -31.84 20.08 -22.33
C GLU A 116 -32.62 18.76 -22.28
N ARG A 117 -32.92 18.16 -23.44
CA ARG A 117 -33.64 16.88 -23.48
C ARG A 117 -32.82 15.73 -22.86
N GLU A 118 -31.57 15.59 -23.27
CA GLU A 118 -30.69 14.55 -22.72
C GLU A 118 -30.49 14.74 -21.21
N LEU A 119 -30.33 16.00 -20.82
CA LEU A 119 -30.07 16.38 -19.45
C LEU A 119 -31.31 16.10 -18.63
N LEU A 120 -32.48 16.37 -19.22
CA LEU A 120 -33.73 16.16 -18.52
C LEU A 120 -33.90 14.68 -18.28
N ASN A 121 -33.54 13.88 -19.28
CA ASN A 121 -33.71 12.45 -19.12
C ASN A 121 -32.66 11.78 -18.24
N SER A 122 -31.44 12.30 -18.24
CA SER A 122 -30.42 11.82 -17.31
C SER A 122 -30.93 12.00 -15.90
N MET A 123 -31.41 13.20 -15.59
CA MET A 123 -31.79 13.52 -14.24
C MET A 123 -33.17 12.99 -13.89
N ASN A 124 -33.93 12.66 -14.93
CA ASN A 124 -35.21 11.98 -14.74
C ASN A 124 -34.96 10.62 -14.11
N ILE A 125 -33.82 10.03 -14.47
CA ILE A 125 -33.36 8.76 -13.92
C ILE A 125 -32.75 8.92 -12.53
N SER A 126 -31.85 9.89 -12.39
CA SER A 126 -31.06 10.03 -11.14
C SER A 126 -31.87 10.61 -9.99
N GLN A 127 -32.90 11.40 -10.33
CA GLN A 127 -33.82 11.97 -9.34
C GLN A 127 -33.11 12.71 -8.21
N PRO A 128 -32.27 13.69 -8.54
CA PRO A 128 -31.39 14.28 -7.53
C PRO A 128 -32.12 15.34 -6.69
N THR A 129 -31.73 15.49 -5.42
CA THR A 129 -32.36 16.49 -4.56
C THR A 129 -31.64 17.83 -4.68
N VAL A 130 -30.32 17.80 -4.82
CA VAL A 130 -29.56 19.03 -5.01
C VAL A 130 -28.75 18.90 -6.29
N VAL A 131 -28.58 20.01 -6.99
CA VAL A 131 -27.75 20.03 -8.18
C VAL A 131 -26.58 21.02 -8.06
N PHE A 132 -25.36 20.54 -8.30
CA PHE A 132 -24.21 21.42 -8.41
C PHE A 132 -23.94 21.68 -9.88
N VAL A 133 -23.71 22.93 -10.24
CA VAL A 133 -23.51 23.32 -11.65
C VAL A 133 -22.60 24.54 -11.80
N SER A 134 -21.87 24.59 -12.92
CA SER A 134 -21.05 25.74 -13.24
C SER A 134 -21.91 26.87 -13.82
N LYS A 135 -21.31 28.03 -14.03
CA LYS A 135 -21.98 29.15 -14.72
C LYS A 135 -22.49 28.75 -16.11
N LYS A 136 -21.61 28.14 -16.91
CA LYS A 136 -21.98 27.69 -18.27
C LYS A 136 -23.30 26.93 -18.30
N GLY A 137 -23.53 26.10 -17.28
CA GLY A 137 -24.62 25.16 -17.32
C GLY A 137 -25.86 25.54 -16.52
N LEU A 138 -25.86 26.72 -15.92
CA LEU A 138 -26.96 27.10 -15.04
C LEU A 138 -28.28 27.18 -15.79
N GLN A 139 -28.29 27.87 -16.93
CA GLN A 139 -29.57 28.11 -17.63
C GLN A 139 -30.23 26.78 -18.04
N LYS A 140 -29.42 25.78 -18.36
CA LYS A 140 -29.97 24.47 -18.69
C LYS A 140 -30.55 23.80 -17.46
N ILE A 141 -29.87 23.96 -16.34
CA ILE A 141 -30.34 23.40 -15.09
C ILE A 141 -31.68 24.03 -14.70
N LEU A 142 -31.80 25.32 -14.93
CA LEU A 142 -33.05 26.03 -14.62
C LEU A 142 -34.21 25.52 -15.47
N ASN A 143 -34.01 25.48 -16.79
CA ASN A 143 -35.03 24.96 -17.70
C ASN A 143 -35.48 23.52 -17.38
N VAL A 144 -34.62 22.77 -16.70
CA VAL A 144 -34.93 21.41 -16.32
C VAL A 144 -35.66 21.32 -14.98
N GLN A 145 -35.21 22.12 -14.01
CA GLN A 145 -35.78 22.10 -12.67
C GLN A 145 -37.28 22.31 -12.70
N LYS A 146 -37.71 23.21 -13.59
CA LYS A 146 -39.12 23.48 -13.84
C LYS A 146 -39.88 22.18 -14.05
N LYS A 147 -39.33 21.34 -14.93
CA LYS A 147 -39.95 20.08 -15.31
C LYS A 147 -39.57 18.96 -14.34
N LEU A 148 -38.65 19.27 -13.43
CA LEU A 148 -38.16 18.25 -12.49
C LEU A 148 -38.24 18.71 -11.04
N PRO A 149 -39.45 18.63 -10.46
CA PRO A 149 -39.82 19.17 -9.16
C PRO A 149 -38.95 18.67 -8.00
N ILE A 150 -38.39 17.48 -8.11
CA ILE A 150 -37.63 16.93 -7.00
C ILE A 150 -36.36 17.72 -6.69
N ILE A 151 -35.84 18.47 -7.67
CA ILE A 151 -34.69 19.34 -7.46
C ILE A 151 -35.09 20.54 -6.59
N GLN A 152 -34.46 20.68 -5.43
CA GLN A 152 -34.88 21.69 -4.46
C GLN A 152 -33.85 22.78 -4.23
N LYS A 153 -32.67 22.59 -4.82
CA LYS A 153 -31.55 23.48 -4.54
C LYS A 153 -30.53 23.38 -5.64
N ILE A 154 -30.04 24.54 -6.08
CA ILE A 154 -29.08 24.65 -7.15
C ILE A 154 -27.89 25.46 -6.66
N ILE A 155 -26.72 24.84 -6.62
CA ILE A 155 -25.55 25.49 -6.04
C ILE A 155 -24.49 25.69 -7.12
N ILE A 156 -23.97 26.91 -7.22
CA ILE A 156 -22.99 27.25 -8.25
C ILE A 156 -21.57 26.90 -7.85
N MET A 157 -20.84 26.23 -8.74
CA MET A 157 -19.52 25.71 -8.43
C MET A 157 -18.35 26.68 -8.67
N ASP A 158 -18.33 27.36 -9.81
CA ASP A 158 -17.22 28.26 -10.15
C ASP A 158 -17.50 29.71 -9.77
N SER A 159 -18.04 29.91 -8.58
CA SER A 159 -18.21 31.23 -8.02
C SER A 159 -17.82 31.16 -6.54
N LYS A 160 -17.22 32.24 -6.03
CA LYS A 160 -16.87 32.35 -4.61
C LYS A 160 -18.05 32.90 -3.80
N THR A 161 -18.57 34.03 -4.27
CA THR A 161 -19.77 34.65 -3.73
C THR A 161 -21.01 34.04 -4.38
N ASP A 162 -22.18 34.46 -3.91
CA ASP A 162 -23.44 34.05 -4.53
C ASP A 162 -23.52 34.54 -5.97
N TYR A 163 -24.43 33.95 -6.74
CA TYR A 163 -24.50 34.26 -8.17
C TYR A 163 -25.93 34.14 -8.71
N GLN A 164 -26.42 35.22 -9.33
CA GLN A 164 -27.80 35.34 -9.79
C GLN A 164 -28.83 34.91 -8.75
N GLY A 165 -28.49 35.13 -7.49
CA GLY A 165 -29.37 34.77 -6.37
C GLY A 165 -29.16 33.36 -5.86
N PHE A 166 -28.34 32.58 -6.56
CA PHE A 166 -28.08 31.21 -6.14
C PHE A 166 -26.82 31.14 -5.27
N GLN A 167 -26.86 30.30 -4.24
CA GLN A 167 -25.69 30.09 -3.39
C GLN A 167 -24.53 29.47 -4.17
N SER A 168 -23.31 29.93 -3.88
CA SER A 168 -22.13 29.23 -4.34
C SER A 168 -21.89 28.10 -3.35
N MET A 169 -20.91 27.25 -3.63
CA MET A 169 -20.54 26.18 -2.72
C MET A 169 -20.10 26.75 -1.37
N TYR A 170 -19.36 27.85 -1.40
CA TYR A 170 -18.84 28.50 -0.19
C TYR A 170 -19.94 29.11 0.67
N THR A 171 -20.83 29.90 0.09
CA THR A 171 -21.91 30.48 0.89
C THR A 171 -22.89 29.40 1.34
N PHE A 172 -23.05 28.35 0.54
CA PHE A 172 -23.90 27.25 0.95
C PHE A 172 -23.37 26.56 2.23
N VAL A 173 -22.05 26.41 2.34
CA VAL A 173 -21.48 25.76 3.53
C VAL A 173 -21.51 26.64 4.76
N THR A 174 -21.13 27.92 4.61
CA THR A 174 -21.15 28.83 5.74
C THR A 174 -22.56 28.89 6.36
N SER A 175 -23.58 28.82 5.50
CA SER A 175 -24.96 28.88 5.95
C SER A 175 -25.52 27.60 6.58
N HIS A 176 -24.91 26.44 6.33
CA HIS A 176 -25.43 25.23 6.98
C HIS A 176 -24.54 24.62 8.09
N LEU A 177 -23.31 25.10 8.23
CA LEU A 177 -22.41 24.61 9.27
C LEU A 177 -22.59 25.33 10.60
N PRO A 178 -22.52 24.60 11.71
CA PRO A 178 -22.45 25.26 13.03
C PRO A 178 -21.16 26.07 13.12
N PRO A 179 -21.22 27.28 13.71
CA PRO A 179 -19.98 28.05 13.85
C PRO A 179 -18.95 27.34 14.74
N GLY A 180 -17.68 27.59 14.48
CA GLY A 180 -16.62 26.83 15.14
C GLY A 180 -16.61 25.35 14.74
N PHE A 181 -16.97 25.07 13.49
CA PHE A 181 -16.94 23.71 12.96
C PHE A 181 -15.50 23.33 12.63
N ASN A 182 -15.08 22.14 13.09
CA ASN A 182 -13.72 21.68 12.81
C ASN A 182 -13.71 20.52 11.80
N GLU A 183 -13.14 20.79 10.62
CA GLU A 183 -13.04 19.79 9.55
C GLU A 183 -12.29 18.53 9.97
N TYR A 184 -11.18 18.70 10.69
CA TYR A 184 -10.34 17.55 11.08
C TYR A 184 -10.89 16.74 12.24
N ASP A 185 -12.17 16.91 12.56
CA ASP A 185 -12.86 16.07 13.53
C ASP A 185 -14.15 15.53 12.91
N PHE A 186 -14.34 15.86 11.64
CA PHE A 186 -15.44 15.28 10.89
C PHE A 186 -15.17 13.79 10.73
N VAL A 187 -16.21 12.98 10.92
CA VAL A 187 -16.10 11.55 10.65
C VAL A 187 -17.09 11.18 9.56
N PRO A 188 -16.57 10.69 8.42
CA PRO A 188 -17.40 10.26 7.29
C PRO A 188 -18.37 9.16 7.74
N GLU A 189 -19.50 8.99 7.05
CA GLU A 189 -20.47 7.94 7.41
C GLU A 189 -19.99 6.54 7.08
N SER A 190 -20.38 5.58 7.91
CA SER A 190 -20.23 4.18 7.59
C SER A 190 -21.59 3.64 7.13
N PHE A 191 -21.57 2.80 6.11
CA PHE A 191 -22.77 2.14 5.58
C PHE A 191 -22.36 0.85 4.89
N ASP A 192 -23.34 0.04 4.50
CA ASP A 192 -23.07 -1.21 3.76
C ASP A 192 -22.58 -0.90 2.35
N ARG A 193 -21.28 -0.96 2.15
CA ARG A 193 -20.67 -0.48 0.92
C ARG A 193 -21.07 -1.27 -0.32
N ASP A 194 -21.72 -2.42 -0.13
CA ASP A 194 -22.21 -3.20 -1.27
C ASP A 194 -23.52 -2.67 -1.84
N LYS A 195 -24.35 -2.10 -0.97
CA LYS A 195 -25.70 -1.70 -1.36
C LYS A 195 -25.86 -0.18 -1.48
N THR A 196 -24.91 0.57 -0.92
CA THR A 196 -24.95 2.02 -1.03
C THR A 196 -24.28 2.45 -2.33
N ILE A 197 -25.03 3.17 -3.14
CA ILE A 197 -24.56 3.61 -4.45
C ILE A 197 -23.61 4.80 -4.28
N ALA A 198 -22.48 4.73 -4.98
CA ALA A 198 -21.51 5.81 -4.95
C ALA A 198 -21.79 6.79 -6.08
N LEU A 199 -21.99 6.23 -7.26
CA LEU A 199 -22.18 7.03 -8.44
C LEU A 199 -23.20 6.40 -9.33
N ILE A 200 -23.97 7.27 -9.98
CA ILE A 200 -24.82 6.92 -11.09
C ILE A 200 -24.23 7.62 -12.30
N MET A 201 -23.70 6.84 -13.23
CA MET A 201 -23.09 7.37 -14.46
C MET A 201 -24.04 7.18 -15.65
N ASN A 202 -23.94 8.07 -16.62
CA ASN A 202 -24.74 7.96 -17.82
C ASN A 202 -24.14 6.94 -18.78
N SER A 203 -25.00 6.15 -19.40
CA SER A 203 -24.54 5.19 -20.41
C SER A 203 -25.45 5.23 -21.62
N SER A 204 -24.92 5.73 -22.75
CA SER A 204 -25.73 5.98 -23.95
C SER A 204 -25.90 4.75 -24.86
N PRO A 210 -30.24 6.62 -23.24
CA PRO A 210 -29.25 6.83 -22.18
C PRO A 210 -29.76 6.35 -20.81
N LYS A 211 -28.91 5.63 -20.10
CA LYS A 211 -29.31 4.97 -18.85
C LYS A 211 -28.39 5.34 -17.69
N GLY A 212 -28.87 5.10 -16.47
CA GLY A 212 -28.11 5.40 -15.27
C GLY A 212 -27.39 4.17 -14.74
N VAL A 213 -26.06 4.24 -14.70
CA VAL A 213 -25.25 3.13 -14.23
C VAL A 213 -24.96 3.24 -12.73
N ALA A 214 -25.62 2.41 -11.93
CA ALA A 214 -25.45 2.45 -10.48
C ALA A 214 -24.19 1.67 -10.04
N LEU A 215 -23.23 2.40 -9.49
CA LEU A 215 -21.94 1.87 -9.06
C LEU A 215 -21.84 1.93 -7.53
N PRO A 216 -21.94 0.77 -6.87
CA PRO A 216 -21.87 0.76 -5.41
C PRO A 216 -20.48 1.10 -4.91
N HIS A 217 -20.37 1.40 -3.62
CA HIS A 217 -19.09 1.70 -2.99
C HIS A 217 -18.05 0.59 -3.15
N ARG A 218 -18.52 -0.65 -3.07
CA ARG A 218 -17.64 -1.80 -3.26
C ARG A 218 -16.79 -1.67 -4.52
N ALA A 219 -17.42 -1.23 -5.62
CA ALA A 219 -16.74 -1.12 -6.90
C ALA A 219 -15.63 -0.09 -6.83
N LEU A 220 -15.95 1.04 -6.20
CA LEU A 220 -14.93 2.06 -5.99
C LEU A 220 -13.78 1.50 -5.12
N ALA A 221 -14.12 0.63 -4.16
CA ALA A 221 -13.06 0.09 -3.31
C ALA A 221 -12.12 -0.76 -4.15
N VAL A 222 -12.69 -1.55 -5.05
CA VAL A 222 -11.87 -2.34 -5.94
C VAL A 222 -11.00 -1.44 -6.82
N ARG A 223 -11.58 -0.40 -7.40
CA ARG A 223 -10.80 0.55 -8.19
C ARG A 223 -9.64 1.13 -7.38
N PHE A 224 -9.86 1.48 -6.11
CA PHE A 224 -8.81 2.07 -5.28
C PHE A 224 -7.63 1.12 -5.05
N SER A 225 -7.93 -0.17 -5.06
CA SER A 225 -6.91 -1.22 -5.12
C SER A 225 -6.11 -1.20 -6.43
N HIS A 226 -6.79 -1.27 -7.57
CA HIS A 226 -6.11 -1.22 -8.85
C HIS A 226 -5.25 0.02 -8.98
N ALA A 227 -5.79 1.14 -8.47
CA ALA A 227 -5.21 2.47 -8.68
C ALA A 227 -3.86 2.55 -8.00
N ARG A 228 -3.78 2.00 -6.80
CA ARG A 228 -2.55 2.07 -6.01
C ARG A 228 -1.68 0.82 -6.24
N ASP A 229 -2.11 -0.05 -7.16
CA ASP A 229 -1.42 -1.31 -7.42
C ASP A 229 -0.12 -1.00 -8.21
N PRO A 230 1.01 -1.56 -7.76
CA PRO A 230 2.30 -1.24 -8.40
C PRO A 230 2.43 -1.85 -9.78
N ILE A 231 1.62 -2.86 -10.06
CA ILE A 231 1.62 -3.50 -11.37
C ILE A 231 0.49 -2.98 -12.27
N PHE A 232 -0.71 -2.80 -11.70
CA PHE A 232 -1.92 -2.51 -12.47
C PHE A 232 -2.37 -1.03 -12.42
N GLY A 233 -1.68 -0.21 -11.61
CA GLY A 233 -1.91 1.21 -11.54
C GLY A 233 -0.58 1.92 -11.29
N ASN A 234 -0.54 2.80 -10.31
CA ASN A 234 0.68 3.52 -10.00
C ASN A 234 1.18 3.23 -8.58
N GLN A 235 2.49 3.06 -8.41
CA GLN A 235 3.06 2.84 -7.09
C GLN A 235 2.88 4.07 -6.22
N ILE A 236 2.56 3.85 -4.95
CA ILE A 236 2.19 4.94 -4.04
C ILE A 236 3.36 5.72 -3.46
N ALA A 237 3.93 6.61 -4.28
CA ALA A 237 4.74 7.71 -3.76
C ALA A 237 4.00 9.00 -4.11
N PRO A 238 3.30 9.59 -3.14
CA PRO A 238 2.40 10.73 -3.39
C PRO A 238 3.13 12.01 -3.85
N ASP A 239 4.46 11.96 -3.84
CA ASP A 239 5.30 13.00 -4.44
C ASP A 239 5.29 12.92 -5.98
N THR A 240 4.13 12.58 -6.55
CA THR A 240 4.01 12.24 -7.98
C THR A 240 3.07 13.22 -8.66
N ALA A 241 3.44 13.64 -9.87
CA ALA A 241 2.62 14.57 -10.63
C ALA A 241 2.18 13.93 -11.93
N ILE A 242 0.86 13.89 -12.12
CA ILE A 242 0.30 13.38 -13.36
C ILE A 242 -0.47 14.48 -14.11
N LEU A 243 -0.45 14.43 -15.44
CA LEU A 243 -1.26 15.34 -16.23
C LEU A 243 -2.43 14.55 -16.82
N SER A 244 -3.65 15.01 -16.60
CA SER A 244 -4.84 14.33 -17.13
C SER A 244 -5.69 15.25 -18.03
N VAL A 245 -6.02 14.78 -19.23
CA VAL A 245 -6.87 15.53 -20.15
C VAL A 245 -8.26 14.91 -20.32
N VAL A 246 -8.65 14.05 -19.40
CA VAL A 246 -9.86 13.24 -19.52
C VAL A 246 -11.06 13.92 -18.84
N PRO A 247 -12.24 13.86 -19.49
CA PRO A 247 -13.44 14.45 -18.92
C PRO A 247 -13.81 13.80 -17.59
N PHE A 248 -14.07 14.63 -16.58
CA PHE A 248 -14.39 14.13 -15.25
C PHE A 248 -15.73 13.43 -15.21
N HIS A 249 -16.63 13.77 -16.13
CA HIS A 249 -18.02 13.30 -16.03
C HIS A 249 -18.20 11.87 -16.52
N HIS A 250 -17.17 11.32 -17.14
CA HIS A 250 -17.20 9.96 -17.68
C HIS A 250 -16.34 9.03 -16.82
N GLY A 251 -16.55 7.72 -16.93
CA GLY A 251 -15.85 6.72 -16.11
C GLY A 251 -14.33 6.71 -16.22
N PHE A 252 -13.82 6.98 -17.42
CA PHE A 252 -12.38 7.09 -17.64
C PHE A 252 -11.79 8.19 -16.77
N GLY A 253 -12.40 9.36 -16.78
CA GLY A 253 -11.86 10.49 -16.04
C GLY A 253 -12.20 10.48 -14.57
N MET A 254 -13.39 9.98 -14.26
CA MET A 254 -13.85 9.95 -12.88
C MET A 254 -13.06 8.97 -11.98
N PHE A 255 -12.75 7.79 -12.48
CA PHE A 255 -12.17 6.80 -11.60
C PHE A 255 -10.66 6.78 -11.63
N THR A 256 -10.08 7.28 -12.71
CA THR A 256 -8.66 7.54 -12.68
C THR A 256 -8.35 8.63 -11.66
N THR A 257 -9.13 9.71 -11.68
CA THR A 257 -8.87 10.89 -10.86
C THR A 257 -9.10 10.60 -9.37
N LEU A 258 -10.15 9.84 -9.08
CA LEU A 258 -10.41 9.44 -7.70
C LEU A 258 -9.25 8.61 -7.17
N GLY A 259 -8.63 7.85 -8.07
CA GLY A 259 -7.52 7.00 -7.70
C GLY A 259 -6.27 7.82 -7.50
N TYR A 260 -6.12 8.86 -8.29
CA TYR A 260 -5.00 9.78 -8.15
C TYR A 260 -5.04 10.55 -6.84
N LEU A 261 -6.26 10.93 -6.41
CA LEU A 261 -6.45 11.64 -5.14
C LEU A 261 -6.19 10.73 -3.95
N ILE A 262 -6.72 9.50 -3.97
CA ILE A 262 -6.45 8.60 -2.85
C ILE A 262 -4.96 8.21 -2.82
N SER A 263 -4.27 8.39 -3.93
CA SER A 263 -2.82 8.17 -4.01
C SER A 263 -2.01 9.39 -3.62
N GLY A 264 -2.69 10.50 -3.37
CA GLY A 264 -2.02 11.74 -2.99
C GLY A 264 -1.21 12.37 -4.10
N PHE A 265 -1.57 12.09 -5.34
CA PHE A 265 -0.89 12.70 -6.47
C PHE A 265 -1.27 14.17 -6.62
N ARG A 266 -0.41 14.91 -7.31
CA ARG A 266 -0.77 16.21 -7.84
C ARG A 266 -1.37 16.02 -9.23
N VAL A 267 -2.66 16.29 -9.37
CA VAL A 267 -3.33 16.12 -10.65
C VAL A 267 -3.27 17.43 -11.43
N VAL A 268 -2.48 17.43 -12.50
CA VAL A 268 -2.37 18.59 -13.39
C VAL A 268 -3.38 18.45 -14.52
N LEU A 269 -4.20 19.48 -14.70
CA LEU A 269 -5.31 19.39 -15.65
C LEU A 269 -5.08 20.22 -16.90
N MET A 270 -5.43 19.64 -18.05
CA MET A 270 -5.55 20.38 -19.29
C MET A 270 -6.92 20.12 -19.89
N TYR A 271 -7.64 21.20 -20.18
CA TYR A 271 -9.00 21.10 -20.67
C TYR A 271 -8.99 21.10 -22.19
N ARG A 272 -8.15 21.95 -22.77
CA ARG A 272 -7.99 22.01 -24.21
C ARG A 272 -6.58 21.57 -24.54
N PHE A 273 -6.44 20.69 -25.52
CA PHE A 273 -5.10 20.29 -25.95
C PHE A 273 -4.42 21.42 -26.72
N GLU A 274 -3.36 21.96 -26.14
CA GLU A 274 -2.52 22.91 -26.86
C GLU A 274 -1.18 22.26 -27.11
N GLU A 275 -0.76 22.26 -28.36
CA GLU A 275 0.50 21.64 -28.74
C GLU A 275 1.66 22.27 -27.98
N GLU A 276 1.62 23.60 -27.89
CA GLU A 276 2.65 24.37 -27.19
C GLU A 276 2.63 24.12 -25.68
N LEU A 277 1.44 23.86 -25.15
CA LEU A 277 1.26 23.70 -23.72
C LEU A 277 1.50 22.27 -23.22
N PHE A 278 0.96 21.29 -23.93
CA PHE A 278 1.05 19.89 -23.51
C PHE A 278 2.48 19.40 -23.31
N LEU A 279 3.45 20.14 -23.89
CA LEU A 279 4.86 19.82 -23.71
C LEU A 279 5.47 20.71 -22.63
N ARG A 280 5.06 21.98 -22.61
CA ARG A 280 5.54 22.93 -21.61
C ARG A 280 5.13 22.50 -20.20
N SER A 281 3.86 22.14 -20.05
CA SER A 281 3.32 21.67 -18.78
C SER A 281 4.01 20.39 -18.29
N LEU A 282 4.44 19.56 -19.23
CA LEU A 282 5.14 18.32 -18.88
C LEU A 282 6.50 18.63 -18.26
N GLN A 283 7.19 19.62 -18.84
CA GLN A 283 8.53 20.01 -18.40
C GLN A 283 8.53 20.82 -17.09
N ASP A 284 7.74 21.89 -17.06
CA ASP A 284 7.70 22.79 -15.88
C ASP A 284 7.21 22.09 -14.60
N TYR A 285 6.12 21.32 -14.71
CA TYR A 285 5.51 20.66 -13.56
C TYR A 285 6.19 19.34 -13.17
N LYS A 286 7.17 18.93 -13.99
CA LYS A 286 7.90 17.68 -13.79
C LYS A 286 6.97 16.46 -13.83
N ILE A 287 6.19 16.38 -14.91
CA ILE A 287 5.22 15.30 -15.05
C ILE A 287 5.89 13.92 -15.14
N GLN A 288 5.50 13.02 -14.24
CA GLN A 288 5.99 11.65 -14.25
C GLN A 288 5.10 10.71 -15.06
N SER A 289 3.86 11.11 -15.31
CA SER A 289 2.87 10.24 -15.92
C SER A 289 1.71 11.01 -16.55
N ALA A 290 1.44 10.73 -17.81
CA ALA A 290 0.38 11.44 -18.50
C ALA A 290 -0.76 10.49 -18.85
N LEU A 291 -1.97 10.90 -18.52
CA LEU A 291 -3.16 10.14 -18.86
C LEU A 291 -3.85 10.81 -20.06
N LEU A 292 -3.81 10.14 -21.20
CA LEU A 292 -4.17 10.72 -22.48
C LEU A 292 -5.27 9.92 -23.20
N VAL A 293 -5.78 10.50 -24.30
CA VAL A 293 -6.69 9.80 -25.18
C VAL A 293 -5.97 9.55 -26.50
N PRO A 294 -6.32 8.46 -27.20
CA PRO A 294 -5.59 8.02 -28.38
C PRO A 294 -5.52 9.03 -29.56
N THR A 295 -6.30 10.10 -29.50
CA THR A 295 -6.26 11.09 -30.56
C THR A 295 -5.00 11.98 -30.55
N LEU A 296 -4.46 12.23 -29.36
CA LEU A 296 -3.30 13.12 -29.22
C LEU A 296 -1.99 12.43 -29.60
N PHE A 297 -2.07 11.15 -29.95
CA PHE A 297 -0.87 10.36 -30.10
C PHE A 297 -0.10 10.63 -31.38
N SER A 298 -0.82 10.79 -32.49
CA SER A 298 -0.17 11.15 -33.75
C SER A 298 0.49 12.52 -33.62
N PHE A 299 -0.19 13.44 -32.92
CA PHE A 299 0.39 14.74 -32.62
C PHE A 299 1.71 14.51 -31.90
N LEU A 300 1.67 13.76 -30.81
CA LEU A 300 2.87 13.51 -30.01
C LEU A 300 3.88 12.63 -30.77
N ALA A 301 3.44 11.95 -31.81
CA ALA A 301 4.37 11.13 -32.58
C ALA A 301 5.11 11.96 -33.62
N LYS A 302 4.45 13.02 -34.09
CA LYS A 302 4.94 13.81 -35.23
C LYS A 302 5.71 15.08 -34.83
N SER A 303 5.15 15.86 -33.91
CA SER A 303 5.66 17.20 -33.60
C SER A 303 7.16 17.24 -33.30
N THR A 304 7.81 18.28 -33.81
CA THR A 304 9.24 18.44 -33.68
C THR A 304 9.61 19.29 -32.47
N LEU A 305 8.64 20.05 -31.97
CA LEU A 305 8.87 20.91 -30.81
C LEU A 305 9.20 20.07 -29.58
N ILE A 306 8.74 18.82 -29.63
CA ILE A 306 8.86 17.85 -28.54
C ILE A 306 10.29 17.60 -28.05
N ASP A 307 11.26 17.83 -28.92
CA ASP A 307 12.63 17.40 -28.70
C ASP A 307 13.36 18.07 -27.51
N LYS A 308 13.07 19.34 -27.24
CA LYS A 308 13.84 20.10 -26.25
C LYS A 308 13.13 20.48 -24.95
N TYR A 309 12.98 19.50 -24.04
CA TYR A 309 12.51 19.74 -22.68
C TYR A 309 13.08 18.67 -21.75
N ASP A 310 13.27 18.98 -20.47
CA ASP A 310 13.73 17.96 -19.52
C ASP A 310 12.56 17.08 -19.06
N LEU A 311 12.44 15.90 -19.69
CA LEU A 311 11.32 15.00 -19.45
C LEU A 311 11.80 13.71 -18.79
N SER A 312 13.04 13.72 -18.35
CA SER A 312 13.66 12.60 -17.64
C SER A 312 12.79 12.06 -16.51
N ASN A 313 11.87 12.88 -16.02
CA ASN A 313 10.95 12.51 -14.96
C ASN A 313 9.69 11.78 -15.46
N LEU A 314 9.44 11.88 -16.77
CA LEU A 314 8.29 11.22 -17.42
C LEU A 314 8.53 9.74 -17.75
N HIS A 315 8.11 8.85 -16.87
CA HIS A 315 8.36 7.42 -17.05
C HIS A 315 7.16 6.65 -17.59
N GLU A 316 6.03 7.33 -17.75
CA GLU A 316 4.80 6.64 -18.14
C GLU A 316 3.80 7.50 -18.90
N ILE A 317 3.23 6.91 -19.95
CA ILE A 317 2.11 7.49 -20.67
C ILE A 317 1.02 6.43 -20.86
N ALA A 318 -0.19 6.77 -20.42
CA ALA A 318 -1.34 5.85 -20.54
C ALA A 318 -2.42 6.38 -21.51
N SER A 319 -3.22 5.46 -22.05
CA SER A 319 -4.36 5.79 -22.91
C SER A 319 -5.50 4.79 -22.68
N GLY A 320 -6.71 5.17 -23.06
CA GLY A 320 -7.84 4.30 -22.85
C GLY A 320 -9.10 4.93 -23.39
N GLY A 321 -10.19 4.18 -23.36
CA GLY A 321 -11.47 4.70 -23.79
C GLY A 321 -11.72 4.49 -25.27
N ALA A 322 -10.65 4.22 -26.04
CA ALA A 322 -10.80 4.03 -27.48
C ALA A 322 -9.55 3.39 -28.11
N PRO A 323 -9.67 2.88 -29.34
CA PRO A 323 -8.50 2.15 -29.86
C PRO A 323 -7.26 3.01 -30.11
N LEU A 324 -6.12 2.48 -29.69
CA LEU A 324 -4.82 3.06 -29.97
C LEU A 324 -4.17 2.24 -31.08
N SER A 325 -3.71 2.93 -32.12
CA SER A 325 -2.92 2.25 -33.14
C SER A 325 -1.66 1.68 -32.51
N LYS A 326 -1.47 0.38 -32.70
CA LYS A 326 -0.26 -0.31 -32.27
C LYS A 326 0.96 0.46 -32.78
N GLU A 327 0.97 0.72 -34.09
CA GLU A 327 2.09 1.38 -34.74
C GLU A 327 2.35 2.77 -34.16
N VAL A 328 1.30 3.57 -34.04
CA VAL A 328 1.42 4.91 -33.47
C VAL A 328 1.92 4.82 -32.04
N GLY A 329 1.31 3.93 -31.26
CA GLY A 329 1.70 3.72 -29.87
C GLY A 329 3.18 3.47 -29.65
N GLU A 330 3.76 2.56 -30.42
CA GLU A 330 5.19 2.27 -30.24
C GLU A 330 6.11 3.34 -30.84
N ALA A 331 5.56 4.16 -31.73
CA ALA A 331 6.30 5.32 -32.21
C ALA A 331 6.44 6.36 -31.08
N VAL A 332 5.32 6.70 -30.45
CA VAL A 332 5.33 7.64 -29.33
C VAL A 332 6.11 7.09 -28.14
N ALA A 333 6.10 5.77 -27.98
CA ALA A 333 6.87 5.13 -26.91
C ALA A 333 8.38 5.24 -27.14
N LYS A 334 8.83 5.04 -28.38
CA LYS A 334 10.26 5.13 -28.69
C LYS A 334 10.76 6.56 -28.53
N ARG A 335 9.95 7.52 -28.98
CA ARG A 335 10.38 8.91 -28.94
C ARG A 335 10.59 9.43 -27.52
N PHE A 336 9.84 8.86 -26.58
CA PHE A 336 9.91 9.29 -25.18
C PHE A 336 10.72 8.32 -24.33
N HIS A 337 11.28 7.30 -24.98
CA HIS A 337 12.12 6.31 -24.31
C HIS A 337 11.34 5.56 -23.24
N LEU A 338 10.08 5.31 -23.56
CA LEU A 338 9.21 4.53 -22.70
C LEU A 338 9.22 3.08 -23.18
N PRO A 339 8.99 2.14 -22.25
CA PRO A 339 8.88 0.71 -22.57
C PRO A 339 7.65 0.39 -23.43
N GLY A 340 6.75 1.36 -23.57
CA GLY A 340 5.55 1.18 -24.35
C GLY A 340 4.44 2.04 -23.78
N ILE A 341 3.37 2.20 -24.56
CA ILE A 341 2.21 2.93 -24.08
C ILE A 341 1.36 2.05 -23.15
N ARG A 342 1.06 2.59 -21.98
CA ARG A 342 0.32 1.89 -20.96
C ARG A 342 -1.16 2.01 -21.31
N GLN A 343 -1.95 0.95 -21.13
CA GLN A 343 -3.35 1.06 -21.55
C GLN A 343 -4.34 0.44 -20.61
N GLY A 344 -5.59 0.89 -20.77
CA GLY A 344 -6.69 0.37 -20.02
C GLY A 344 -7.94 0.33 -20.88
N TYR A 345 -8.70 -0.75 -20.72
CA TYR A 345 -9.91 -0.91 -21.48
C TYR A 345 -11.02 -1.12 -20.47
N GLY A 346 -12.14 -0.43 -20.67
CA GLY A 346 -13.27 -0.59 -19.77
C GLY A 346 -14.54 -0.02 -20.32
N LEU A 347 -15.62 -0.27 -19.60
CA LEU A 347 -16.89 0.30 -19.95
C LEU A 347 -17.39 0.98 -18.72
N THR A 348 -18.34 1.89 -18.94
CA THR A 348 -18.97 2.59 -17.84
C THR A 348 -19.57 1.61 -16.86
N GLU A 349 -20.11 0.51 -17.39
CA GLU A 349 -20.79 -0.52 -16.59
C GLU A 349 -19.81 -1.36 -15.78
N THR A 350 -18.52 -1.28 -16.10
CA THR A 350 -17.52 -2.02 -15.31
C THR A 350 -16.76 -1.09 -14.37
N THR A 351 -17.37 0.08 -14.09
CA THR A 351 -16.76 1.15 -13.29
C THR A 351 -15.52 1.73 -13.97
N SER A 352 -14.43 0.95 -14.00
CA SER A 352 -13.18 1.45 -14.55
C SER A 352 -12.59 0.40 -15.49
N ALA A 353 -11.31 0.58 -15.86
CA ALA A 353 -10.64 -0.42 -16.70
C ALA A 353 -10.62 -1.79 -16.02
N ILE A 354 -10.87 -2.85 -16.78
CA ILE A 354 -10.80 -4.20 -16.24
C ILE A 354 -9.79 -5.03 -17.03
N LEU A 355 -9.26 -4.44 -18.10
CA LEU A 355 -8.03 -4.92 -18.74
C LEU A 355 -7.03 -3.78 -18.73
N ILE A 356 -5.81 -4.06 -18.28
CA ILE A 356 -4.80 -3.02 -18.10
C ILE A 356 -3.43 -3.60 -18.40
N THR A 357 -2.59 -2.85 -19.10
CA THR A 357 -1.23 -3.31 -19.34
C THR A 357 -0.48 -3.33 -18.02
N PRO A 358 -0.05 -4.53 -17.58
CA PRO A 358 0.69 -4.66 -16.32
C PRO A 358 2.04 -4.00 -16.46
N LYS A 359 2.44 -3.17 -15.50
CA LYS A 359 3.79 -2.62 -15.50
C LYS A 359 4.80 -3.76 -15.70
N GLY A 360 5.79 -3.55 -16.55
CA GLY A 360 6.79 -4.56 -16.84
C GLY A 360 6.37 -5.63 -17.84
N ASP A 361 5.14 -5.53 -18.34
CA ASP A 361 4.62 -6.56 -19.23
C ASP A 361 4.02 -5.91 -20.46
N ASP A 362 4.79 -5.02 -21.07
CA ASP A 362 4.42 -4.32 -22.28
C ASP A 362 4.39 -5.28 -23.46
N LYS A 363 3.35 -5.17 -24.27
CA LYS A 363 3.22 -5.93 -25.52
C LYS A 363 2.40 -5.12 -26.51
N PRO A 364 3.09 -4.45 -27.45
CA PRO A 364 2.46 -3.44 -28.33
C PRO A 364 1.21 -3.98 -29.03
N GLY A 365 0.15 -3.18 -29.00
CA GLY A 365 -1.10 -3.58 -29.61
C GLY A 365 -2.09 -4.19 -28.62
N ALA A 366 -1.59 -4.82 -27.57
CA ALA A 366 -2.46 -5.35 -26.53
C ALA A 366 -2.99 -4.22 -25.65
N VAL A 367 -4.26 -4.35 -25.26
CA VAL A 367 -4.84 -3.43 -24.29
C VAL A 367 -4.59 -3.88 -22.85
N GLY A 368 -4.01 -5.06 -22.66
CA GLY A 368 -3.55 -5.44 -21.33
C GLY A 368 -4.07 -6.78 -20.87
N LYS A 369 -4.00 -7.01 -19.56
CA LYS A 369 -4.42 -8.28 -18.96
C LYS A 369 -5.53 -8.05 -17.98
N VAL A 370 -6.19 -9.13 -17.56
CA VAL A 370 -7.31 -9.04 -16.62
C VAL A 370 -6.82 -8.55 -15.27
N VAL A 371 -7.48 -7.50 -14.76
CA VAL A 371 -7.12 -6.90 -13.48
C VAL A 371 -7.47 -7.84 -12.33
N PRO A 372 -6.87 -7.61 -11.16
CA PRO A 372 -7.20 -8.43 -10.00
C PRO A 372 -8.70 -8.42 -9.70
N PHE A 373 -9.22 -9.53 -9.19
CA PHE A 373 -10.63 -9.72 -8.84
C PHE A 373 -11.55 -9.98 -10.03
N PHE A 374 -11.03 -9.85 -11.25
CA PHE A 374 -11.87 -9.99 -12.42
C PHE A 374 -11.60 -11.28 -13.18
N GLU A 375 -12.55 -11.66 -14.04
CA GLU A 375 -12.38 -12.77 -14.98
C GLU A 375 -12.85 -12.28 -16.34
N ALA A 376 -12.25 -12.82 -17.40
CA ALA A 376 -12.62 -12.48 -18.75
C ALA A 376 -12.67 -13.72 -19.61
N LYS A 377 -13.53 -13.70 -20.63
CA LYS A 377 -13.63 -14.80 -21.59
C LYS A 377 -14.07 -14.27 -22.95
N VAL A 378 -13.82 -15.07 -23.99
CA VAL A 378 -14.19 -14.72 -25.35
C VAL A 378 -15.20 -15.77 -25.84
N VAL A 379 -16.39 -15.34 -26.23
CA VAL A 379 -17.42 -16.29 -26.61
C VAL A 379 -17.75 -16.13 -28.09
N ASP A 380 -18.01 -17.25 -28.75
CA ASP A 380 -18.17 -17.22 -30.20
C ASP A 380 -19.37 -16.37 -30.63
N LEU A 381 -19.20 -15.68 -31.75
CA LEU A 381 -20.17 -14.69 -32.20
C LEU A 381 -21.56 -15.26 -32.48
N ASP A 382 -21.67 -16.50 -32.96
CA ASP A 382 -23.02 -17.05 -33.14
C ASP A 382 -23.43 -18.23 -32.27
N THR A 383 -22.49 -18.99 -31.73
CA THR A 383 -22.88 -20.14 -30.92
C THR A 383 -22.92 -19.80 -29.43
N GLY A 384 -22.19 -18.77 -29.04
CA GLY A 384 -22.09 -18.39 -27.65
C GLY A 384 -21.18 -19.28 -26.81
N LYS A 385 -20.54 -20.24 -27.47
CA LYS A 385 -19.59 -21.09 -26.77
C LYS A 385 -18.31 -20.34 -26.40
N THR A 386 -17.73 -20.67 -25.25
CA THR A 386 -16.46 -20.09 -24.87
C THR A 386 -15.37 -20.55 -25.83
N LEU A 387 -14.52 -19.63 -26.29
CA LEU A 387 -13.49 -19.98 -27.27
C LEU A 387 -12.12 -20.06 -26.61
N GLY A 388 -11.11 -20.55 -27.35
CA GLY A 388 -9.77 -20.66 -26.82
C GLY A 388 -8.79 -19.63 -27.36
N VAL A 389 -7.52 -19.89 -27.09
CA VAL A 389 -6.41 -19.00 -27.44
C VAL A 389 -6.39 -18.53 -28.91
N ASN A 390 -6.12 -17.24 -29.09
CA ASN A 390 -6.12 -16.61 -30.42
C ASN A 390 -7.41 -16.70 -31.24
N GLN A 391 -8.54 -16.84 -30.57
CA GLN A 391 -9.81 -16.89 -31.28
C GLN A 391 -10.65 -15.64 -31.09
N ARG A 392 -10.99 -14.99 -32.21
CA ARG A 392 -11.85 -13.82 -32.19
C ARG A 392 -13.26 -14.15 -31.72
N GLY A 393 -13.74 -13.42 -30.72
CA GLY A 393 -15.14 -13.53 -30.34
C GLY A 393 -15.57 -12.34 -29.50
N GLU A 394 -16.80 -12.39 -28.98
CA GLU A 394 -17.28 -11.28 -28.15
C GLU A 394 -16.71 -11.43 -26.75
N LEU A 395 -16.17 -10.34 -26.23
CA LEU A 395 -15.51 -10.30 -24.93
C LEU A 395 -16.54 -10.14 -23.81
N SER A 396 -16.54 -11.08 -22.86
CA SER A 396 -17.39 -10.95 -21.66
C SER A 396 -16.54 -10.83 -20.39
N VAL A 397 -17.01 -10.06 -19.42
CA VAL A 397 -16.23 -9.87 -18.19
C VAL A 397 -17.10 -9.97 -16.94
N ARG A 398 -16.53 -10.43 -15.85
CA ARG A 398 -17.23 -10.34 -14.56
C ARG A 398 -16.29 -10.07 -13.39
N GLY A 399 -16.83 -9.49 -12.32
CA GLY A 399 -16.00 -9.12 -11.19
C GLY A 399 -16.71 -8.03 -10.42
N PRO A 400 -16.13 -7.58 -9.30
CA PRO A 400 -16.84 -6.71 -8.35
C PRO A 400 -16.96 -5.22 -8.70
N MET A 401 -16.43 -4.78 -9.83
CA MET A 401 -16.61 -3.40 -10.25
C MET A 401 -17.73 -3.30 -11.24
N ILE A 402 -18.31 -4.44 -11.59
CA ILE A 402 -19.44 -4.41 -12.47
C ILE A 402 -20.64 -3.81 -11.76
N MET A 403 -21.31 -2.89 -12.45
CA MET A 403 -22.41 -2.11 -11.88
C MET A 403 -23.47 -2.97 -11.18
N SER A 404 -24.14 -2.39 -10.19
CA SER A 404 -25.27 -3.10 -9.55
C SER A 404 -26.38 -3.40 -10.56
N GLY A 405 -26.56 -2.50 -11.52
CA GLY A 405 -27.53 -2.69 -12.57
C GLY A 405 -28.00 -1.35 -13.05
N TYR A 406 -28.71 -1.32 -14.17
CA TYR A 406 -29.25 -0.06 -14.66
C TYR A 406 -30.40 0.42 -13.77
N VAL A 407 -30.25 1.63 -13.23
CA VAL A 407 -31.25 2.23 -12.36
C VAL A 407 -32.66 2.18 -12.93
N ASN A 408 -33.52 1.38 -12.29
CA ASN A 408 -34.93 1.20 -12.68
C ASN A 408 -35.11 0.69 -14.11
N ASN A 409 -34.21 -0.21 -14.51
CA ASN A 409 -34.27 -0.84 -15.81
C ASN A 409 -33.67 -2.24 -15.74
N PRO A 410 -34.36 -3.17 -15.06
CA PRO A 410 -33.85 -4.54 -14.91
C PRO A 410 -33.75 -5.29 -16.24
N GLU A 411 -34.64 -5.00 -17.19
CA GLU A 411 -34.63 -5.68 -18.48
C GLU A 411 -33.37 -5.36 -19.29
N ALA A 412 -32.91 -4.11 -19.25
CA ALA A 412 -31.66 -3.78 -19.92
C ALA A 412 -30.48 -4.32 -19.12
N THR A 413 -30.64 -4.38 -17.80
CA THR A 413 -29.61 -4.93 -16.94
C THR A 413 -29.38 -6.40 -17.29
N ASN A 414 -30.46 -7.19 -17.30
CA ASN A 414 -30.34 -8.64 -17.54
C ASN A 414 -29.93 -9.05 -18.94
N ALA A 415 -30.20 -8.20 -19.92
CA ALA A 415 -29.74 -8.44 -21.28
C ALA A 415 -28.23 -8.22 -21.38
N LEU A 416 -27.71 -7.34 -20.53
CA LEU A 416 -26.28 -7.07 -20.53
C LEU A 416 -25.50 -8.00 -19.61
N ILE A 417 -26.07 -8.31 -18.45
CA ILE A 417 -25.37 -9.09 -17.45
C ILE A 417 -26.12 -10.38 -17.20
N ASP A 418 -25.48 -11.52 -17.41
CA ASP A 418 -26.22 -12.78 -17.37
C ASP A 418 -26.47 -13.30 -15.95
N LYS A 419 -27.12 -14.46 -15.87
CA LYS A 419 -27.38 -15.11 -14.60
C LYS A 419 -26.11 -15.31 -13.74
N ASP A 420 -24.96 -15.49 -14.38
CA ASP A 420 -23.71 -15.71 -13.63
C ASP A 420 -22.86 -14.45 -13.44
N GLY A 421 -23.38 -13.29 -13.82
CA GLY A 421 -22.61 -12.06 -13.71
C GLY A 421 -21.74 -11.69 -14.90
N TRP A 422 -21.71 -12.53 -15.94
CA TRP A 422 -21.00 -12.19 -17.16
C TRP A 422 -21.66 -11.01 -17.87
N LEU A 423 -20.86 -9.98 -18.11
CA LEU A 423 -21.29 -8.79 -18.82
C LEU A 423 -20.70 -8.95 -20.18
N HIS A 424 -21.55 -9.00 -21.22
CA HIS A 424 -21.05 -9.15 -22.59
C HIS A 424 -20.89 -7.75 -23.14
N SER A 425 -19.69 -7.42 -23.63
CA SER A 425 -19.27 -6.04 -23.79
C SER A 425 -19.57 -5.41 -25.14
N GLY A 426 -19.98 -6.21 -26.12
CA GLY A 426 -20.17 -5.70 -27.47
C GLY A 426 -18.86 -5.48 -28.22
N ASP A 427 -17.74 -5.87 -27.61
CA ASP A 427 -16.45 -5.78 -28.31
C ASP A 427 -15.90 -7.13 -28.77
N ILE A 428 -15.10 -7.09 -29.83
CA ILE A 428 -14.53 -8.31 -30.35
C ILE A 428 -13.05 -8.37 -29.99
N ALA A 429 -12.62 -9.53 -29.49
CA ALA A 429 -11.29 -9.65 -28.94
C ALA A 429 -10.78 -11.08 -28.94
N TYR A 430 -9.50 -11.22 -28.67
CA TYR A 430 -8.91 -12.53 -28.48
C TYR A 430 -7.81 -12.36 -27.43
N TRP A 431 -7.48 -13.45 -26.77
CA TRP A 431 -6.35 -13.44 -25.88
C TRP A 431 -5.28 -14.39 -26.38
N ASP A 432 -4.02 -14.01 -26.22
CA ASP A 432 -2.95 -14.83 -26.73
C ASP A 432 -2.44 -15.78 -25.64
N GLU A 433 -1.25 -16.32 -25.83
CA GLU A 433 -0.73 -17.36 -24.95
C GLU A 433 -0.17 -16.80 -23.63
N ASP A 434 0.16 -15.51 -23.63
CA ASP A 434 0.66 -14.90 -22.41
C ASP A 434 -0.49 -14.25 -21.65
N GLU A 435 -1.71 -14.48 -22.16
CA GLU A 435 -2.95 -13.92 -21.60
C GLU A 435 -3.06 -12.42 -21.83
N HIS A 436 -2.38 -11.92 -22.86
CA HIS A 436 -2.57 -10.56 -23.37
C HIS A 436 -3.87 -10.48 -24.19
N PHE A 437 -4.70 -9.47 -23.95
CA PHE A 437 -5.95 -9.29 -24.67
C PHE A 437 -5.79 -8.22 -25.76
N PHE A 438 -6.47 -8.41 -26.89
CA PHE A 438 -6.38 -7.46 -27.98
C PHE A 438 -7.80 -7.16 -28.45
N ILE A 439 -8.13 -5.90 -28.62
CA ILE A 439 -9.45 -5.48 -29.09
C ILE A 439 -9.36 -5.22 -30.59
N VAL A 440 -10.01 -6.06 -31.40
CA VAL A 440 -9.83 -5.96 -32.86
C VAL A 440 -11.06 -5.49 -33.62
N ASP A 441 -12.20 -5.44 -32.95
CA ASP A 441 -13.41 -5.03 -33.65
C ASP A 441 -14.51 -4.72 -32.64
N ARG A 442 -15.59 -4.11 -33.12
CA ARG A 442 -16.73 -3.77 -32.28
C ARG A 442 -18.00 -4.37 -32.89
N LEU A 443 -18.76 -5.08 -32.07
CA LEU A 443 -20.00 -5.71 -32.51
C LEU A 443 -21.12 -4.68 -32.44
N LYS A 444 -21.26 -4.07 -31.27
CA LYS A 444 -22.31 -3.10 -31.00
C LYS A 444 -22.21 -1.86 -31.88
N SER A 445 -23.35 -1.18 -32.01
CA SER A 445 -23.44 0.12 -32.68
C SER A 445 -23.13 1.20 -31.68
N LEU A 446 -21.96 1.78 -31.81
CA LEU A 446 -21.54 2.82 -30.89
C LEU A 446 -20.38 3.53 -31.54
N ILE A 447 -20.43 4.84 -31.54
CA ILE A 447 -19.42 5.65 -32.20
C ILE A 447 -18.76 6.50 -31.14
N LYS A 448 -17.44 6.67 -31.23
CA LYS A 448 -16.76 7.61 -30.36
C LYS A 448 -16.04 8.65 -31.21
N TYR A 449 -16.62 9.84 -31.28
CA TYR A 449 -16.03 10.98 -31.98
C TYR A 449 -15.26 11.86 -31.00
N LYS A 450 -13.93 11.92 -31.17
CA LYS A 450 -13.07 12.63 -30.22
C LYS A 450 -13.47 12.33 -28.78
N GLY A 451 -13.55 11.04 -28.45
CA GLY A 451 -13.92 10.58 -27.13
C GLY A 451 -15.41 10.59 -26.79
N CYS A 452 -16.20 11.39 -27.50
CA CYS A 452 -17.62 11.56 -27.15
C CYS A 452 -18.50 10.47 -27.77
N GLN A 453 -19.36 9.87 -26.95
CA GLN A 453 -20.23 8.80 -27.43
C GLN A 453 -21.33 9.32 -28.36
N VAL A 454 -21.50 8.65 -29.50
CA VAL A 454 -22.56 8.98 -30.46
C VAL A 454 -23.44 7.77 -30.76
N ALA A 455 -24.67 7.78 -30.25
CA ALA A 455 -25.61 6.69 -30.50
C ALA A 455 -26.15 6.76 -31.92
N PRO A 456 -25.95 5.69 -32.71
CA PRO A 456 -26.41 5.72 -34.11
C PRO A 456 -27.93 5.83 -34.27
N ALA A 457 -28.68 5.31 -33.30
CA ALA A 457 -30.14 5.26 -33.36
C ALA A 457 -30.78 6.64 -33.46
N GLU A 458 -30.22 7.60 -32.74
CA GLU A 458 -30.70 8.98 -32.82
C GLU A 458 -30.50 9.55 -34.23
N LEU A 459 -29.34 9.28 -34.81
CA LEU A 459 -29.05 9.72 -36.18
C LEU A 459 -29.94 9.02 -37.21
N GLU A 460 -30.15 7.73 -37.04
CA GLU A 460 -31.00 6.97 -37.94
C GLU A 460 -32.46 7.50 -37.96
N SER A 461 -33.01 7.78 -36.79
CA SER A 461 -34.41 8.18 -36.68
C SER A 461 -34.61 9.57 -37.28
N ILE A 462 -33.58 10.39 -37.19
CA ILE A 462 -33.56 11.69 -37.83
C ILE A 462 -33.47 11.55 -39.36
N LEU A 463 -32.70 10.56 -39.82
CA LEU A 463 -32.58 10.31 -41.25
C LEU A 463 -33.87 9.80 -41.89
N LEU A 464 -34.52 8.85 -41.21
CA LEU A 464 -35.78 8.27 -41.63
C LEU A 464 -36.89 9.32 -41.70
N GLN A 465 -36.81 10.29 -40.80
CA GLN A 465 -37.77 11.39 -40.74
C GLN A 465 -37.83 12.08 -42.10
N HIS A 466 -36.71 12.11 -42.81
CA HIS A 466 -36.64 12.81 -44.09
C HIS A 466 -37.49 12.10 -45.13
N PRO A 467 -38.28 12.87 -45.88
CA PRO A 467 -39.20 12.32 -46.88
C PRO A 467 -38.48 11.56 -48.00
N ASN A 468 -37.28 12.02 -48.36
CA ASN A 468 -36.44 11.38 -49.38
C ASN A 468 -35.58 10.22 -48.89
N ILE A 469 -35.83 9.72 -47.68
CA ILE A 469 -35.00 8.63 -47.15
C ILE A 469 -35.83 7.42 -46.71
N PHE A 470 -35.68 6.32 -47.44
CA PHE A 470 -36.41 5.08 -47.16
C PHE A 470 -35.84 4.37 -45.95
N ASP A 471 -34.53 4.12 -45.99
CA ASP A 471 -33.84 3.54 -44.85
C ASP A 471 -32.41 4.08 -44.70
N ALA A 472 -31.87 3.93 -43.51
CA ALA A 472 -30.51 4.38 -43.25
C ALA A 472 -29.85 3.57 -42.14
N GLY A 473 -28.53 3.44 -42.24
CA GLY A 473 -27.73 2.83 -41.20
C GLY A 473 -26.55 3.72 -40.85
N VAL A 474 -26.35 3.93 -39.56
CA VAL A 474 -25.27 4.78 -39.05
C VAL A 474 -24.20 3.97 -38.30
N ALA A 475 -22.94 4.25 -38.64
CA ALA A 475 -21.77 3.68 -37.94
C ALA A 475 -20.56 4.64 -37.94
N GLY A 476 -19.41 4.12 -37.51
CA GLY A 476 -18.23 4.94 -37.38
C GLY A 476 -17.36 4.84 -38.61
N LEU A 477 -16.84 5.96 -39.07
CA LEU A 477 -15.79 5.95 -40.07
C LEU A 477 -14.49 6.28 -39.39
N PRO A 478 -13.50 5.37 -39.49
CA PRO A 478 -12.18 5.57 -38.89
C PRO A 478 -11.52 6.87 -39.35
N ASP A 479 -11.14 7.71 -38.39
CA ASP A 479 -10.45 8.95 -38.69
C ASP A 479 -9.21 9.04 -37.82
N ASP A 480 -8.08 9.41 -38.42
CA ASP A 480 -6.81 9.43 -37.71
C ASP A 480 -6.75 10.41 -36.54
N ASP A 481 -7.57 11.46 -36.57
CA ASP A 481 -7.46 12.49 -35.54
C ASP A 481 -8.75 12.70 -34.75
N ALA A 482 -9.76 11.91 -35.05
CA ALA A 482 -11.00 11.96 -34.29
C ALA A 482 -11.41 10.56 -33.85
N GLY A 483 -10.70 9.57 -34.37
CA GLY A 483 -10.95 8.17 -34.06
C GLY A 483 -12.03 7.63 -34.98
N GLU A 484 -13.24 8.16 -34.82
CA GLU A 484 -14.39 7.79 -35.63
C GLU A 484 -15.19 9.02 -36.03
N LEU A 485 -15.62 9.09 -37.28
CA LEU A 485 -16.56 10.12 -37.72
C LEU A 485 -17.93 9.50 -38.00
N PRO A 486 -18.98 10.06 -37.40
CA PRO A 486 -20.34 9.59 -37.70
C PRO A 486 -20.67 9.68 -39.18
N ALA A 487 -21.04 8.54 -39.77
CA ALA A 487 -21.36 8.45 -41.18
C ALA A 487 -22.54 7.50 -41.40
N ALA A 488 -23.19 7.63 -42.56
CA ALA A 488 -24.42 6.90 -42.80
C ALA A 488 -24.47 6.22 -44.17
N VAL A 489 -24.99 4.99 -44.18
CA VAL A 489 -25.45 4.40 -45.43
C VAL A 489 -26.91 4.82 -45.61
N VAL A 490 -27.19 5.47 -46.74
CA VAL A 490 -28.54 5.97 -47.04
C VAL A 490 -29.18 5.28 -48.24
N VAL A 491 -30.38 4.74 -47.99
CA VAL A 491 -31.23 4.22 -49.04
C VAL A 491 -32.34 5.23 -49.36
N LEU A 492 -32.18 5.94 -50.48
CA LEU A 492 -33.15 6.94 -50.94
C LEU A 492 -34.54 6.32 -51.18
N GLU A 493 -35.59 7.08 -50.88
CA GLU A 493 -36.96 6.65 -51.18
C GLU A 493 -37.09 6.50 -52.68
N HIS A 494 -37.93 5.58 -53.13
CA HIS A 494 -38.04 5.26 -54.55
C HIS A 494 -38.35 6.50 -55.41
N GLY A 495 -37.47 6.77 -56.37
CA GLY A 495 -37.62 7.94 -57.22
C GLY A 495 -37.66 9.28 -56.49
N LYS A 496 -36.86 9.39 -55.43
CA LYS A 496 -36.64 10.67 -54.77
C LYS A 496 -35.14 10.91 -54.80
N THR A 497 -34.73 12.17 -54.84
CA THR A 497 -33.30 12.46 -54.97
C THR A 497 -32.74 13.37 -53.88
N MET A 498 -31.47 13.18 -53.55
CA MET A 498 -30.83 13.93 -52.47
C MET A 498 -29.31 13.70 -52.46
N THR A 499 -28.54 14.79 -52.39
CA THR A 499 -27.07 14.69 -52.32
C THR A 499 -26.56 14.50 -50.90
N GLU A 500 -25.25 14.30 -50.79
CA GLU A 500 -24.59 14.07 -49.52
C GLU A 500 -24.54 15.37 -48.72
N LYS A 501 -24.24 16.47 -49.40
CA LYS A 501 -24.16 17.76 -48.77
C LYS A 501 -25.49 18.11 -48.10
N GLU A 502 -26.58 17.83 -48.81
CA GLU A 502 -27.92 18.17 -48.33
C GLU A 502 -28.29 17.33 -47.11
N ILE A 503 -27.99 16.04 -47.17
CA ILE A 503 -28.25 15.11 -46.08
C ILE A 503 -27.46 15.55 -44.86
N VAL A 504 -26.23 15.99 -45.08
CA VAL A 504 -25.37 16.46 -44.00
C VAL A 504 -25.83 17.74 -43.29
N ASP A 505 -26.19 18.78 -44.05
CA ASP A 505 -26.68 20.03 -43.43
C ASP A 505 -28.01 19.80 -42.73
N TYR A 506 -28.84 18.98 -43.35
CA TYR A 506 -30.12 18.58 -42.78
C TYR A 506 -29.93 17.99 -41.39
N VAL A 507 -29.04 17.00 -41.28
CA VAL A 507 -28.79 16.40 -39.96
C VAL A 507 -28.15 17.39 -38.97
N ALA A 508 -27.15 18.14 -39.41
CA ALA A 508 -26.51 19.18 -38.61
C ALA A 508 -27.52 20.09 -37.92
N SER A 509 -28.55 20.52 -38.67
CA SER A 509 -29.59 21.42 -38.17
C SER A 509 -30.32 20.83 -36.98
N GLN A 510 -30.35 19.49 -36.94
CA GLN A 510 -31.09 18.76 -35.93
C GLN A 510 -30.25 18.31 -34.73
N VAL A 511 -28.92 18.47 -34.80
CA VAL A 511 -28.05 17.85 -33.80
C VAL A 511 -26.95 18.72 -33.19
N THR A 512 -26.69 18.48 -31.90
CA THR A 512 -25.56 19.06 -31.19
C THR A 512 -24.24 18.67 -31.88
N THR A 513 -23.19 19.43 -31.62
CA THR A 513 -21.97 19.37 -32.44
C THR A 513 -21.28 18.01 -32.53
N ALA A 514 -21.32 17.23 -31.46
CA ALA A 514 -20.67 15.92 -31.46
C ALA A 514 -21.33 14.92 -32.41
N LYS A 515 -22.63 15.08 -32.64
CA LYS A 515 -23.37 14.14 -33.47
C LYS A 515 -23.41 14.50 -34.95
N LYS A 516 -22.70 15.56 -35.33
CA LYS A 516 -22.68 15.96 -36.74
C LYS A 516 -22.13 14.83 -37.60
N LEU A 517 -22.76 14.63 -38.75
CA LEU A 517 -22.43 13.54 -39.66
C LEU A 517 -21.16 13.92 -40.44
N ARG A 518 -20.05 14.07 -39.73
CA ARG A 518 -18.78 14.49 -40.34
C ARG A 518 -18.20 13.46 -41.29
N GLY A 519 -18.61 12.21 -41.13
CA GLY A 519 -18.07 11.14 -41.95
C GLY A 519 -18.72 11.04 -43.32
N GLY A 520 -19.77 11.81 -43.53
CA GLY A 520 -20.46 11.83 -44.82
C GLY A 520 -21.52 10.77 -44.99
N VAL A 521 -21.81 10.43 -46.25
CA VAL A 521 -22.90 9.54 -46.62
C VAL A 521 -22.54 8.65 -47.82
N VAL A 522 -22.93 7.38 -47.75
CA VAL A 522 -22.81 6.46 -48.88
C VAL A 522 -24.18 5.90 -49.24
N PHE A 523 -24.54 5.96 -50.52
CA PHE A 523 -25.84 5.50 -50.97
C PHE A 523 -25.83 4.01 -51.31
N VAL A 524 -26.80 3.27 -50.78
CA VAL A 524 -26.87 1.83 -51.01
C VAL A 524 -28.32 1.41 -51.29
N ASP A 525 -28.51 0.17 -51.71
CA ASP A 525 -29.86 -0.35 -51.97
C ASP A 525 -30.46 -0.95 -50.70
N GLU A 526 -29.59 -1.39 -49.80
CA GLU A 526 -30.05 -2.02 -48.58
C GLU A 526 -29.17 -1.65 -47.39
N VAL A 527 -29.78 -1.50 -46.22
CA VAL A 527 -29.02 -1.35 -45.00
C VAL A 527 -28.85 -2.74 -44.40
N PRO A 528 -27.60 -3.21 -44.29
CA PRO A 528 -27.20 -4.54 -43.81
C PRO A 528 -27.87 -4.92 -42.48
N LYS A 529 -28.70 -5.95 -42.50
CA LYS A 529 -29.47 -6.38 -41.34
C LYS A 529 -29.42 -7.90 -41.15
N GLY A 530 -30.10 -8.38 -40.11
CA GLY A 530 -30.24 -9.80 -39.87
C GLY A 530 -31.63 -10.17 -39.39
N LEU A 531 -31.81 -10.23 -38.07
CA LEU A 531 -33.10 -10.54 -37.47
C LEU A 531 -33.21 -9.89 -36.10
N LYS A 534 -32.05 -6.66 -37.14
CA LYS A 534 -31.10 -5.85 -36.40
C LYS A 534 -29.92 -5.45 -37.27
N LEU A 535 -29.51 -4.19 -37.14
CA LEU A 535 -28.52 -3.58 -38.02
C LEU A 535 -27.11 -4.16 -37.88
N ASP A 536 -26.45 -4.46 -38.99
CA ASP A 536 -25.09 -4.98 -38.90
C ASP A 536 -24.04 -3.87 -38.95
N ALA A 537 -23.59 -3.46 -37.76
CA ALA A 537 -22.62 -2.38 -37.62
C ALA A 537 -21.34 -2.66 -38.40
N ARG A 538 -20.82 -3.88 -38.28
CA ARG A 538 -19.61 -4.25 -39.00
C ARG A 538 -19.74 -4.15 -40.52
N LYS A 539 -20.81 -4.71 -41.07
CA LYS A 539 -21.09 -4.57 -42.50
C LYS A 539 -21.24 -3.10 -42.91
N ILE A 540 -21.82 -2.29 -42.02
CA ILE A 540 -22.01 -0.87 -42.35
C ILE A 540 -20.68 -0.13 -42.37
N ARG A 541 -19.85 -0.35 -41.34
CA ARG A 541 -18.50 0.21 -41.31
C ARG A 541 -17.71 -0.25 -42.54
N GLU A 542 -17.98 -1.46 -43.00
CA GLU A 542 -17.29 -2.01 -44.18
C GLU A 542 -17.59 -1.22 -45.45
N ILE A 543 -18.89 -1.07 -45.73
CA ILE A 543 -19.37 -0.32 -46.89
C ILE A 543 -18.82 1.09 -46.87
N LEU A 544 -18.85 1.70 -45.69
CA LEU A 544 -18.37 3.06 -45.49
C LEU A 544 -16.91 3.26 -45.90
N ILE A 545 -16.03 2.38 -45.42
CA ILE A 545 -14.60 2.50 -45.71
C ILE A 545 -14.28 2.10 -47.14
N LYS A 546 -15.00 1.09 -47.65
CA LYS A 546 -14.87 0.62 -49.03
C LYS A 546 -14.87 1.80 -49.99
N ALA A 547 -15.66 2.83 -49.65
CA ALA A 547 -15.58 4.12 -50.33
C ALA A 547 -14.22 4.75 -50.06
N LYS A 548 -14.08 5.40 -48.90
CA LYS A 548 -12.84 6.07 -48.54
C LYS A 548 -11.73 5.07 -48.19
N MET B 6 -16.68 -3.70 34.71
CA MET B 6 -16.93 -3.18 33.36
C MET B 6 -15.94 -2.07 32.99
N GLU B 7 -15.25 -2.25 31.85
CA GLU B 7 -14.16 -1.35 31.43
C GLU B 7 -14.59 0.01 30.84
N ASP B 8 -13.83 1.04 31.19
CA ASP B 8 -13.97 2.35 30.57
C ASP B 8 -13.11 2.39 29.30
N ALA B 9 -13.77 2.28 28.15
CA ALA B 9 -13.11 2.25 26.85
C ALA B 9 -12.19 3.43 26.57
N LYS B 10 -12.43 4.55 27.24
CA LYS B 10 -11.60 5.74 27.02
C LYS B 10 -10.22 5.58 27.67
N ASN B 11 -10.07 4.55 28.50
CA ASN B 11 -8.78 4.25 29.13
C ASN B 11 -8.00 3.12 28.48
N ILE B 12 -8.59 2.50 27.46
CA ILE B 12 -7.87 1.54 26.65
C ILE B 12 -7.44 2.29 25.39
N LYS B 13 -6.14 2.50 25.23
CA LYS B 13 -5.67 3.14 24.02
C LYS B 13 -5.73 2.14 22.84
N LYS B 14 -6.35 2.54 21.73
CA LYS B 14 -6.43 1.66 20.56
C LYS B 14 -5.78 2.33 19.35
N GLY B 15 -5.06 1.56 18.54
CA GLY B 15 -4.57 2.08 17.29
C GLY B 15 -5.70 2.23 16.26
N PRO B 16 -5.50 3.09 15.26
CA PRO B 16 -6.53 3.29 14.24
C PRO B 16 -6.52 2.14 13.27
N ALA B 17 -7.50 2.12 12.38
CA ALA B 17 -7.48 1.23 11.22
C ALA B 17 -6.16 1.41 10.47
N PRO B 18 -5.65 0.36 9.83
CA PRO B 18 -4.34 0.59 9.19
C PRO B 18 -4.40 1.53 7.97
N PHE B 19 -3.33 2.29 7.74
CA PHE B 19 -3.24 3.13 6.54
C PHE B 19 -2.73 2.39 5.31
N TYR B 20 -2.14 1.22 5.55
CA TYR B 20 -1.80 0.25 4.51
C TYR B 20 -2.46 -1.05 4.94
N PRO B 21 -3.28 -1.65 4.07
CA PRO B 21 -4.16 -2.68 4.62
C PRO B 21 -3.42 -4.00 4.85
N LEU B 22 -4.03 -4.83 5.69
CA LEU B 22 -3.59 -6.21 5.86
C LEU B 22 -3.66 -6.88 4.49
N GLU B 23 -2.62 -7.65 4.15
CA GLU B 23 -2.59 -8.37 2.90
C GLU B 23 -2.94 -9.82 3.18
N ASP B 24 -3.56 -10.48 2.21
CA ASP B 24 -3.90 -11.90 2.34
C ASP B 24 -2.69 -12.80 2.10
N GLY B 25 -2.77 -14.01 2.67
CA GLY B 25 -1.79 -15.02 2.47
C GLY B 25 -0.84 -15.14 3.64
N THR B 26 0.00 -16.17 3.59
CA THR B 26 1.01 -16.36 4.61
C THR B 26 2.09 -15.28 4.44
N ALA B 27 2.93 -15.13 5.44
CA ALA B 27 4.03 -14.18 5.37
C ALA B 27 4.93 -14.57 4.20
N GLY B 28 5.13 -15.87 4.04
CA GLY B 28 5.89 -16.39 2.92
C GLY B 28 5.32 -15.99 1.56
N GLU B 29 4.02 -16.16 1.39
CA GLU B 29 3.33 -15.73 0.17
C GLU B 29 3.45 -14.23 -0.09
N GLN B 30 3.47 -13.45 0.99
CA GLN B 30 3.57 -12.01 0.86
C GLN B 30 4.96 -11.57 0.47
N LEU B 31 5.97 -12.13 1.13
CA LEU B 31 7.36 -11.80 0.82
C LEU B 31 7.71 -12.28 -0.59
N HIS B 32 7.31 -13.49 -0.92
CA HIS B 32 7.53 -14.03 -2.28
C HIS B 32 6.91 -13.15 -3.36
N LYS B 33 5.66 -12.78 -3.17
CA LYS B 33 4.91 -12.04 -4.20
C LYS B 33 5.57 -10.67 -4.40
N ALA B 34 5.92 -10.00 -3.31
CA ALA B 34 6.62 -8.73 -3.42
C ALA B 34 8.01 -8.86 -4.03
N MET B 35 8.81 -9.76 -3.47
CA MET B 35 10.20 -9.92 -3.93
C MET B 35 10.29 -10.42 -5.36
N LYS B 36 9.31 -11.20 -5.81
CA LYS B 36 9.30 -11.65 -7.21
C LYS B 36 9.13 -10.46 -8.18
N ARG B 37 8.33 -9.48 -7.80
CA ARG B 37 8.23 -8.22 -8.54
C ARG B 37 9.55 -7.48 -8.57
N TYR B 38 10.17 -7.33 -7.40
CA TYR B 38 11.43 -6.60 -7.34
C TYR B 38 12.51 -7.31 -8.14
N ALA B 39 12.48 -8.65 -8.14
CA ALA B 39 13.36 -9.48 -8.96
C ALA B 39 13.28 -9.14 -10.45
N LEU B 40 12.09 -8.84 -10.94
CA LEU B 40 11.86 -8.58 -12.37
C LEU B 40 12.21 -7.16 -12.82
N VAL B 41 12.43 -6.26 -11.87
CA VAL B 41 12.97 -4.93 -12.17
C VAL B 41 14.49 -5.02 -12.04
N PRO B 42 15.20 -5.04 -13.17
CA PRO B 42 16.64 -5.37 -13.15
C PRO B 42 17.47 -4.30 -12.45
N GLY B 43 18.44 -4.71 -11.65
CA GLY B 43 19.33 -3.79 -10.96
C GLY B 43 18.82 -3.33 -9.60
N THR B 44 17.62 -3.79 -9.22
CA THR B 44 17.10 -3.48 -7.90
C THR B 44 17.92 -4.23 -6.86
N ILE B 45 18.39 -3.50 -5.86
CA ILE B 45 19.27 -4.04 -4.83
C ILE B 45 18.53 -4.30 -3.51
N ALA B 46 18.75 -5.49 -2.96
CA ALA B 46 18.22 -5.91 -1.65
C ALA B 46 19.14 -5.53 -0.50
N PHE B 47 20.37 -6.06 -0.52
CA PHE B 47 21.31 -5.81 0.56
C PHE B 47 22.64 -5.26 0.09
N THR B 48 23.22 -4.42 0.94
CA THR B 48 24.55 -3.91 0.70
C THR B 48 25.34 -4.06 1.98
N ASP B 49 26.48 -4.74 1.88
CA ASP B 49 27.45 -4.76 2.99
C ASP B 49 28.29 -3.51 2.81
N ALA B 50 28.00 -2.49 3.63
CA ALA B 50 28.65 -1.20 3.54
C ALA B 50 30.15 -1.27 3.85
N HIS B 51 30.57 -2.33 4.53
CA HIS B 51 31.98 -2.48 4.88
C HIS B 51 32.81 -2.78 3.64
N ILE B 52 32.36 -3.76 2.86
CA ILE B 52 33.12 -4.25 1.72
C ILE B 52 32.54 -3.78 0.36
N GLU B 53 31.55 -2.90 0.42
CA GLU B 53 30.82 -2.44 -0.76
C GLU B 53 30.41 -3.58 -1.73
N VAL B 54 29.72 -4.57 -1.17
CA VAL B 54 29.22 -5.70 -1.96
C VAL B 54 27.71 -5.73 -1.94
N ASN B 55 27.11 -5.74 -3.13
CA ASN B 55 25.67 -5.64 -3.32
C ASN B 55 25.06 -6.99 -3.70
N ILE B 56 23.83 -7.21 -3.26
CA ILE B 56 23.02 -8.35 -3.75
C ILE B 56 21.65 -7.88 -4.25
N THR B 57 21.37 -8.16 -5.52
CA THR B 57 20.13 -7.77 -6.15
C THR B 57 18.92 -8.56 -5.62
N TYR B 58 17.74 -7.97 -5.76
CA TYR B 58 16.53 -8.71 -5.47
C TYR B 58 16.40 -9.98 -6.30
N ALA B 59 16.87 -9.95 -7.55
CA ALA B 59 16.70 -11.12 -8.41
C ALA B 59 17.57 -12.25 -7.87
N GLU B 60 18.79 -11.90 -7.47
CA GLU B 60 19.67 -12.89 -6.88
C GLU B 60 19.12 -13.41 -5.54
N TYR B 61 18.68 -12.49 -4.69
CA TYR B 61 18.09 -12.83 -3.38
C TYR B 61 16.85 -13.72 -3.50
N PHE B 62 15.93 -13.29 -4.35
CA PHE B 62 14.74 -14.06 -4.68
C PHE B 62 15.09 -15.46 -5.18
N GLU B 63 15.97 -15.54 -6.17
CA GLU B 63 16.33 -16.84 -6.74
C GLU B 63 16.93 -17.80 -5.73
N MET B 64 17.84 -17.31 -4.89
CA MET B 64 18.49 -18.21 -3.96
C MET B 64 17.54 -18.60 -2.82
N SER B 65 16.68 -17.67 -2.41
CA SER B 65 15.67 -17.98 -1.40
C SER B 65 14.70 -19.03 -1.94
N VAL B 66 14.31 -18.84 -3.19
CA VAL B 66 13.45 -19.80 -3.84
C VAL B 66 14.10 -21.18 -4.03
N ARG B 67 15.35 -21.21 -4.49
CA ARG B 67 16.06 -22.50 -4.59
C ARG B 67 16.16 -23.23 -3.25
N LEU B 68 16.42 -22.49 -2.17
CA LEU B 68 16.47 -23.10 -0.84
C LEU B 68 15.12 -23.66 -0.40
N ALA B 69 14.07 -22.91 -0.67
CA ALA B 69 12.70 -23.33 -0.35
C ALA B 69 12.38 -24.68 -0.97
N GLU B 70 12.64 -24.79 -2.27
CA GLU B 70 12.36 -26.01 -3.02
C GLU B 70 13.32 -27.14 -2.62
N ALA B 71 14.59 -26.78 -2.41
CA ALA B 71 15.57 -27.80 -2.03
C ALA B 71 15.16 -28.40 -0.70
N MET B 72 14.85 -27.54 0.27
CA MET B 72 14.41 -28.03 1.58
C MET B 72 13.14 -28.86 1.47
N LYS B 73 12.21 -28.41 0.64
CA LYS B 73 10.98 -29.15 0.46
C LYS B 73 11.27 -30.54 -0.10
N ARG B 74 12.10 -30.59 -1.12
CA ARG B 74 12.47 -31.87 -1.73
C ARG B 74 13.30 -32.74 -0.77
N TYR B 75 14.13 -32.10 0.06
CA TYR B 75 14.88 -32.81 1.08
C TYR B 75 13.96 -33.51 2.09
N GLY B 76 12.72 -33.04 2.21
CA GLY B 76 11.75 -33.67 3.09
C GLY B 76 11.26 -32.81 4.24
N LEU B 77 11.45 -31.50 4.13
CA LEU B 77 10.96 -30.59 5.17
C LEU B 77 9.55 -30.13 4.84
N ASN B 78 8.72 -30.02 5.86
CA ASN B 78 7.39 -29.44 5.77
C ASN B 78 7.03 -28.70 7.06
N THR B 79 5.74 -28.46 7.31
CA THR B 79 5.34 -27.68 8.50
C THR B 79 5.51 -28.43 9.82
N ASN B 80 5.82 -29.73 9.76
CA ASN B 80 6.19 -30.50 10.96
C ASN B 80 7.56 -30.10 11.49
N HIS B 81 8.36 -29.45 10.63
CA HIS B 81 9.79 -29.29 10.88
C HIS B 81 10.22 -27.85 11.15
N ARG B 82 11.40 -27.68 11.74
CA ARG B 82 11.91 -26.36 12.03
C ARG B 82 13.37 -26.31 11.66
N ILE B 83 13.90 -25.13 11.39
CA ILE B 83 15.35 -24.96 11.23
C ILE B 83 15.87 -23.85 12.13
N VAL B 84 17.18 -23.89 12.39
CA VAL B 84 17.87 -22.80 13.07
C VAL B 84 18.69 -22.05 12.01
N VAL B 85 18.78 -20.73 12.15
CA VAL B 85 19.78 -19.98 11.43
C VAL B 85 20.64 -19.37 12.51
N SER B 86 21.91 -19.75 12.53
CA SER B 86 22.84 -19.25 13.55
C SER B 86 23.95 -18.49 12.85
N SER B 87 23.89 -17.17 12.90
CA SER B 87 24.88 -16.40 12.18
C SER B 87 24.92 -14.93 12.60
N GLU B 88 26.13 -14.38 12.59
CA GLU B 88 26.32 -12.95 12.70
C GLU B 88 25.64 -12.33 11.49
N ASN B 89 25.33 -11.04 11.58
CA ASN B 89 24.74 -10.33 10.46
C ASN B 89 25.58 -10.51 9.20
N SER B 90 24.92 -10.81 8.09
CA SER B 90 25.58 -11.02 6.81
C SER B 90 24.60 -10.80 5.67
N LEU B 91 25.11 -10.90 4.45
CA LEU B 91 24.27 -10.77 3.27
C LEU B 91 23.49 -12.06 3.02
N GLN B 92 23.97 -13.19 3.55
CA GLN B 92 23.32 -14.47 3.29
C GLN B 92 22.27 -14.82 4.35
N PHE B 93 22.17 -14.01 5.39
CA PHE B 93 21.42 -14.37 6.59
C PHE B 93 19.97 -14.66 6.25
N PHE B 94 19.37 -13.83 5.40
CA PHE B 94 17.94 -13.93 5.17
C PHE B 94 17.51 -14.94 4.11
N MET B 95 18.46 -15.47 3.35
CA MET B 95 18.13 -16.50 2.36
C MET B 95 17.45 -17.76 2.93
N PRO B 96 18.03 -18.37 3.98
CA PRO B 96 17.29 -19.53 4.51
C PRO B 96 16.02 -19.14 5.23
N VAL B 97 16.03 -17.94 5.80
CA VAL B 97 14.86 -17.44 6.52
C VAL B 97 13.67 -17.36 5.55
N LEU B 98 13.89 -16.64 4.45
CA LEU B 98 12.92 -16.56 3.38
C LEU B 98 12.53 -17.94 2.87
N GLY B 99 13.55 -18.76 2.59
CA GLY B 99 13.35 -20.12 2.11
C GLY B 99 12.33 -20.85 2.96
N ALA B 100 12.59 -20.92 4.25
CA ALA B 100 11.70 -21.59 5.18
C ALA B 100 10.31 -20.94 5.24
N LEU B 101 10.26 -19.62 5.17
CA LEU B 101 8.95 -18.94 5.19
C LEU B 101 8.10 -19.31 3.96
N PHE B 102 8.75 -19.47 2.81
CA PHE B 102 8.06 -19.86 1.59
C PHE B 102 7.38 -21.20 1.70
N ILE B 103 7.89 -22.08 2.56
CA ILE B 103 7.35 -23.44 2.61
C ILE B 103 6.72 -23.79 3.96
N GLY B 104 6.62 -22.81 4.84
CA GLY B 104 5.95 -23.02 6.11
C GLY B 104 6.78 -23.75 7.15
N VAL B 105 8.11 -23.66 7.03
CA VAL B 105 9.02 -24.26 7.99
C VAL B 105 9.45 -23.20 8.98
N ALA B 106 9.15 -23.42 10.25
CA ALA B 106 9.42 -22.42 11.28
C ALA B 106 10.92 -22.18 11.39
N VAL B 107 11.30 -20.91 11.51
CA VAL B 107 12.70 -20.50 11.63
C VAL B 107 12.99 -20.04 13.05
N ALA B 108 14.04 -20.59 13.63
CA ALA B 108 14.46 -20.19 14.97
C ALA B 108 15.86 -19.61 14.90
N PRO B 109 15.96 -18.28 14.85
CA PRO B 109 17.27 -17.62 14.82
C PRO B 109 18.00 -17.86 16.15
N ALA B 110 19.23 -18.37 16.08
CA ALA B 110 20.05 -18.59 17.25
C ALA B 110 20.99 -17.41 17.45
N ASN B 111 20.89 -16.76 18.61
CA ASN B 111 21.79 -15.66 18.94
C ASN B 111 23.25 -16.08 18.77
N ASP B 112 23.96 -15.40 17.86
CA ASP B 112 25.33 -15.76 17.52
C ASP B 112 26.33 -15.46 18.64
N CYS B 113 25.90 -14.79 19.71
CA CYS B 113 26.75 -14.53 20.86
C CYS B 113 26.51 -15.53 21.98
N TYR B 114 25.57 -16.45 21.75
CA TYR B 114 25.27 -17.54 22.69
C TYR B 114 26.50 -18.42 22.96
N ASN B 115 26.68 -18.87 24.19
CA ASN B 115 27.73 -19.87 24.46
C ASN B 115 27.19 -21.29 24.19
N GLU B 116 28.01 -22.30 24.44
CA GLU B 116 27.64 -23.69 24.10
C GLU B 116 26.40 -24.14 24.87
N ARG B 117 26.31 -23.73 26.12
CA ARG B 117 25.18 -24.10 26.96
C ARG B 117 23.89 -23.34 26.58
N GLU B 118 24.01 -22.05 26.30
CA GLU B 118 22.86 -21.23 25.95
C GLU B 118 22.29 -21.71 24.61
N LEU B 119 23.19 -22.11 23.72
CA LEU B 119 22.80 -22.57 22.40
C LEU B 119 22.14 -23.94 22.49
N LEU B 120 22.60 -24.76 23.42
CA LEU B 120 21.99 -26.07 23.61
C LEU B 120 20.55 -25.92 24.12
N ASN B 121 20.36 -25.08 25.13
CA ASN B 121 19.02 -24.81 25.67
C ASN B 121 18.03 -24.33 24.62
N SER B 122 18.50 -23.41 23.79
CA SER B 122 17.69 -22.80 22.74
C SER B 122 17.19 -23.87 21.77
N MET B 123 18.13 -24.64 21.24
CA MET B 123 17.79 -25.66 20.25
C MET B 123 17.08 -26.86 20.87
N ASN B 124 17.25 -27.06 22.17
CA ASN B 124 16.47 -28.06 22.88
C ASN B 124 15.00 -27.68 22.80
N ILE B 125 14.76 -26.38 22.84
CA ILE B 125 13.41 -25.88 22.71
C ILE B 125 12.94 -25.93 21.24
N SER B 126 13.72 -25.38 20.32
CA SER B 126 13.28 -25.26 18.93
C SER B 126 13.24 -26.61 18.17
N GLN B 127 14.11 -27.54 18.56
CA GLN B 127 14.11 -28.89 17.99
C GLN B 127 14.32 -28.89 16.48
N PRO B 128 15.41 -28.29 16.01
CA PRO B 128 15.56 -28.13 14.57
C PRO B 128 15.98 -29.43 13.90
N THR B 129 15.51 -29.62 12.67
CA THR B 129 15.90 -30.75 11.85
C THR B 129 17.14 -30.37 11.04
N VAL B 130 17.22 -29.12 10.61
CA VAL B 130 18.37 -28.65 9.84
C VAL B 130 18.91 -27.36 10.43
N VAL B 131 20.24 -27.25 10.51
CA VAL B 131 20.88 -26.04 11.02
C VAL B 131 21.66 -25.33 9.92
N PHE B 132 21.32 -24.05 9.69
CA PHE B 132 22.09 -23.18 8.81
C PHE B 132 23.00 -22.39 9.72
N VAL B 133 24.29 -22.31 9.38
CA VAL B 133 25.29 -21.72 10.28
C VAL B 133 26.47 -21.12 9.51
N SER B 134 27.01 -20.02 10.02
CA SER B 134 28.24 -19.45 9.49
C SER B 134 29.45 -20.29 9.94
N LYS B 135 30.57 -20.13 9.26
CA LYS B 135 31.83 -20.77 9.64
C LYS B 135 32.14 -20.49 11.12
N LYS B 136 31.91 -19.25 11.53
CA LYS B 136 32.19 -18.84 12.90
C LYS B 136 31.42 -19.68 13.92
N GLY B 137 30.21 -20.11 13.56
CA GLY B 137 29.35 -20.77 14.53
C GLY B 137 29.37 -22.28 14.47
N LEU B 138 30.11 -22.84 13.52
CA LEU B 138 30.10 -24.27 13.27
C LEU B 138 30.51 -25.09 14.48
N GLN B 139 31.62 -24.68 15.11
CA GLN B 139 32.22 -25.47 16.19
C GLN B 139 31.21 -25.65 17.33
N LYS B 140 30.54 -24.57 17.70
CA LYS B 140 29.56 -24.63 18.77
C LYS B 140 28.40 -25.53 18.40
N ILE B 141 27.98 -25.47 17.15
CA ILE B 141 26.91 -26.32 16.66
C ILE B 141 27.27 -27.77 16.75
N LEU B 142 28.47 -28.10 16.26
CA LEU B 142 28.94 -29.47 16.28
C LEU B 142 28.86 -30.07 17.68
N ASN B 143 29.25 -29.27 18.68
CA ASN B 143 29.24 -29.73 20.08
C ASN B 143 27.83 -30.00 20.60
N VAL B 144 26.86 -29.23 20.12
CA VAL B 144 25.48 -29.41 20.51
C VAL B 144 24.83 -30.60 19.80
N GLN B 145 25.12 -30.73 18.51
CA GLN B 145 24.55 -31.79 17.67
C GLN B 145 24.51 -33.15 18.33
N LYS B 146 25.66 -33.61 18.81
CA LYS B 146 25.72 -34.88 19.53
C LYS B 146 24.65 -35.01 20.64
N LYS B 147 24.36 -33.91 21.32
CA LYS B 147 23.35 -33.89 22.38
C LYS B 147 21.93 -33.80 21.82
N LEU B 148 21.79 -33.27 20.60
CA LEU B 148 20.49 -33.19 19.95
C LEU B 148 20.36 -34.10 18.71
N PRO B 149 19.87 -35.33 18.94
CA PRO B 149 19.72 -36.31 17.86
C PRO B 149 18.97 -35.75 16.63
N ILE B 150 17.92 -34.97 16.88
CA ILE B 150 17.03 -34.54 15.81
C ILE B 150 17.72 -33.71 14.71
N ILE B 151 18.82 -33.03 15.05
CA ILE B 151 19.63 -32.35 14.04
C ILE B 151 20.27 -33.35 13.08
N GLN B 152 19.72 -33.47 11.87
CA GLN B 152 20.18 -34.44 10.86
C GLN B 152 21.13 -33.84 9.83
N LYS B 153 21.21 -32.52 9.75
CA LYS B 153 21.84 -31.87 8.62
C LYS B 153 22.33 -30.50 9.05
N ILE B 154 23.49 -30.10 8.55
CA ILE B 154 24.08 -28.83 8.92
C ILE B 154 24.60 -28.13 7.67
N ILE B 155 24.18 -26.89 7.45
CA ILE B 155 24.50 -26.20 6.21
C ILE B 155 25.30 -24.92 6.46
N ILE B 156 26.38 -24.76 5.70
CA ILE B 156 27.27 -23.62 5.91
C ILE B 156 26.79 -22.43 5.09
N MET B 157 26.66 -21.28 5.74
CA MET B 157 25.99 -20.14 5.13
C MET B 157 26.94 -19.27 4.31
N ASP B 158 28.08 -18.90 4.91
CA ASP B 158 29.04 -18.04 4.22
C ASP B 158 30.19 -18.79 3.52
N SER B 159 29.85 -19.84 2.77
CA SER B 159 30.81 -20.48 1.88
C SER B 159 30.13 -20.83 0.56
N LYS B 160 30.82 -20.64 -0.57
CA LYS B 160 30.25 -21.01 -1.85
C LYS B 160 30.35 -22.54 -2.04
N THR B 161 31.48 -23.10 -1.60
CA THR B 161 31.70 -24.55 -1.74
C THR B 161 31.47 -25.26 -0.41
N ASP B 162 31.58 -26.59 -0.43
CA ASP B 162 31.60 -27.39 0.78
C ASP B 162 32.67 -26.85 1.72
N TYR B 163 32.35 -26.78 3.00
CA TYR B 163 33.28 -26.28 4.00
C TYR B 163 33.40 -27.36 5.07
N GLN B 164 34.63 -27.82 5.30
CA GLN B 164 34.89 -28.90 6.26
C GLN B 164 34.01 -30.12 6.01
N GLY B 165 33.58 -30.30 4.77
CA GLY B 165 32.78 -31.45 4.40
C GLY B 165 31.29 -31.28 4.63
N PHE B 166 30.87 -30.08 5.06
CA PHE B 166 29.45 -29.76 5.12
C PHE B 166 29.03 -28.96 3.89
N GLN B 167 27.87 -29.31 3.34
CA GLN B 167 27.32 -28.57 2.22
C GLN B 167 27.16 -27.09 2.55
N SER B 168 27.37 -26.25 1.55
CA SER B 168 27.08 -24.84 1.68
C SER B 168 25.62 -24.76 1.26
N MET B 169 25.00 -23.60 1.40
CA MET B 169 23.64 -23.44 0.88
C MET B 169 23.61 -23.74 -0.63
N TYR B 170 24.68 -23.37 -1.33
CA TYR B 170 24.76 -23.56 -2.78
C TYR B 170 24.83 -25.01 -3.22
N THR B 171 25.71 -25.79 -2.59
CA THR B 171 25.87 -27.18 -2.99
C THR B 171 24.67 -27.96 -2.48
N PHE B 172 24.10 -27.47 -1.39
CA PHE B 172 22.88 -28.08 -0.89
C PHE B 172 21.73 -27.92 -1.88
N VAL B 173 21.57 -26.72 -2.44
CA VAL B 173 20.49 -26.55 -3.42
C VAL B 173 20.82 -27.29 -4.72
N THR B 174 22.06 -27.14 -5.19
CA THR B 174 22.49 -27.82 -6.40
C THR B 174 22.24 -29.34 -6.35
N SER B 175 22.36 -29.94 -5.18
CA SER B 175 22.18 -31.40 -5.07
C SER B 175 20.78 -31.86 -4.64
N HIS B 176 19.82 -30.95 -4.53
CA HIS B 176 18.46 -31.40 -4.23
C HIS B 176 17.47 -30.82 -5.22
N LEU B 177 17.94 -29.96 -6.11
CA LEU B 177 17.07 -29.38 -7.14
C LEU B 177 17.04 -30.21 -8.41
N PRO B 178 15.85 -30.42 -8.96
CA PRO B 178 15.65 -31.15 -10.22
C PRO B 178 16.36 -30.42 -11.35
N PRO B 179 16.48 -31.07 -12.53
CA PRO B 179 17.22 -30.46 -13.64
C PRO B 179 16.52 -29.26 -14.26
N GLY B 180 17.25 -28.16 -14.49
CA GLY B 180 16.69 -26.98 -15.12
C GLY B 180 15.52 -26.30 -14.39
N PHE B 181 15.43 -26.52 -13.08
CA PHE B 181 14.48 -25.85 -12.20
C PHE B 181 14.33 -24.35 -12.50
N ASN B 182 13.09 -23.87 -12.61
CA ASN B 182 12.80 -22.44 -12.80
C ASN B 182 12.27 -21.79 -11.51
N GLU B 183 13.05 -20.89 -10.93
CA GLU B 183 12.66 -20.24 -9.68
C GLU B 183 11.37 -19.41 -9.81
N TYR B 184 11.12 -18.93 -11.02
CA TYR B 184 9.99 -18.06 -11.30
C TYR B 184 8.69 -18.83 -11.56
N ASP B 185 8.77 -20.16 -11.57
CA ASP B 185 7.58 -21.02 -11.57
C ASP B 185 7.28 -21.59 -10.18
N PHE B 186 8.18 -21.35 -9.23
CA PHE B 186 7.95 -21.80 -7.86
C PHE B 186 6.70 -21.14 -7.26
N VAL B 187 5.91 -21.93 -6.55
CA VAL B 187 4.76 -21.40 -5.82
C VAL B 187 4.91 -21.70 -4.32
N PRO B 188 4.92 -20.65 -3.50
CA PRO B 188 5.12 -20.92 -2.07
C PRO B 188 3.91 -21.67 -1.51
N GLU B 189 4.14 -22.45 -0.47
CA GLU B 189 3.10 -23.20 0.22
C GLU B 189 2.04 -22.32 0.86
N SER B 190 0.82 -22.82 0.88
CA SER B 190 -0.30 -22.12 1.49
C SER B 190 -0.75 -22.91 2.70
N PHE B 191 -1.15 -22.18 3.74
CA PHE B 191 -1.55 -22.77 5.00
C PHE B 191 -2.19 -21.68 5.85
N ASP B 192 -3.02 -22.12 6.79
CA ASP B 192 -3.62 -21.27 7.82
C ASP B 192 -2.53 -20.43 8.54
N ARG B 193 -2.54 -19.12 8.31
CA ARG B 193 -1.50 -18.26 8.88
C ARG B 193 -1.66 -18.04 10.41
N ASP B 194 -2.86 -18.25 10.92
CA ASP B 194 -3.11 -18.16 12.34
C ASP B 194 -2.43 -19.27 13.10
N LYS B 195 -2.49 -20.49 12.57
CA LYS B 195 -1.97 -21.64 13.31
C LYS B 195 -0.49 -21.92 13.01
N THR B 196 -0.07 -21.67 11.77
CA THR B 196 1.26 -22.05 11.37
C THR B 196 2.29 -21.07 11.90
N ILE B 197 3.30 -21.63 12.58
CA ILE B 197 4.32 -20.83 13.22
C ILE B 197 5.36 -20.39 12.19
N ALA B 198 5.68 -19.10 12.18
CA ALA B 198 6.67 -18.55 11.26
C ALA B 198 8.05 -18.55 11.86
N LEU B 199 8.17 -18.05 13.08
CA LEU B 199 9.45 -17.95 13.76
C LEU B 199 9.38 -18.38 15.22
N ILE B 200 10.50 -18.91 15.71
CA ILE B 200 10.69 -19.16 17.14
C ILE B 200 11.87 -18.31 17.60
N MET B 201 11.56 -17.22 18.30
CA MET B 201 12.58 -16.32 18.77
C MET B 201 12.98 -16.70 20.20
N ASN B 202 14.11 -16.17 20.69
CA ASN B 202 14.48 -16.43 22.07
C ASN B 202 14.18 -15.27 23.01
N SER B 203 13.61 -15.59 24.16
CA SER B 203 13.37 -14.60 25.17
C SER B 203 13.79 -15.17 26.51
N SER B 204 14.61 -14.42 27.26
CA SER B 204 15.05 -14.82 28.60
C SER B 204 14.42 -13.95 29.68
N LEU B 209 15.17 -18.99 32.76
CA LEU B 209 15.92 -19.51 31.60
C LEU B 209 15.24 -19.11 30.27
N PRO B 210 16.01 -19.08 29.17
CA PRO B 210 15.51 -18.66 27.86
C PRO B 210 14.37 -19.55 27.35
N LYS B 211 13.43 -18.93 26.62
CA LYS B 211 12.24 -19.61 26.12
C LYS B 211 12.08 -19.39 24.63
N GLY B 212 11.36 -20.28 23.96
CA GLY B 212 11.09 -20.12 22.54
C GLY B 212 9.80 -19.34 22.39
N VAL B 213 9.85 -18.19 21.73
CA VAL B 213 8.66 -17.42 21.48
C VAL B 213 8.08 -17.79 20.11
N ALA B 214 6.92 -18.46 20.10
CA ALA B 214 6.30 -18.89 18.84
C ALA B 214 5.45 -17.78 18.21
N LEU B 215 5.89 -17.30 17.04
CA LEU B 215 5.16 -16.25 16.30
C LEU B 215 4.55 -16.79 15.02
N PRO B 216 3.21 -16.86 14.99
CA PRO B 216 2.50 -17.33 13.79
C PRO B 216 2.65 -16.38 12.59
N HIS B 217 2.38 -16.87 11.38
CA HIS B 217 2.43 -16.06 10.17
C HIS B 217 1.53 -14.84 10.26
N ARG B 218 0.39 -15.00 10.94
CA ARG B 218 -0.53 -13.92 11.22
C ARG B 218 0.24 -12.74 11.80
N ALA B 219 1.17 -13.02 12.71
CA ALA B 219 1.89 -11.92 13.35
C ALA B 219 2.69 -11.12 12.33
N LEU B 220 3.30 -11.83 11.38
CA LEU B 220 4.13 -11.23 10.36
C LEU B 220 3.30 -10.47 9.34
N ALA B 221 2.13 -11.01 9.01
CA ALA B 221 1.21 -10.31 8.13
C ALA B 221 0.91 -8.93 8.71
N VAL B 222 0.66 -8.90 10.02
CA VAL B 222 0.35 -7.64 10.68
C VAL B 222 1.57 -6.71 10.64
N ARG B 223 2.75 -7.25 10.93
CA ARG B 223 3.98 -6.48 10.78
C ARG B 223 4.19 -5.87 9.38
N PHE B 224 3.80 -6.59 8.32
CA PHE B 224 4.01 -6.09 6.96
C PHE B 224 3.05 -4.96 6.64
N SER B 225 1.94 -4.89 7.36
CA SER B 225 1.06 -3.74 7.25
C SER B 225 1.67 -2.52 7.96
N HIS B 226 2.21 -2.75 9.16
CA HIS B 226 2.89 -1.67 9.89
C HIS B 226 4.04 -1.11 9.09
N ALA B 227 4.87 -2.00 8.55
CA ALA B 227 6.10 -1.61 7.88
C ALA B 227 5.81 -0.75 6.66
N ARG B 228 4.70 -1.02 6.00
CA ARG B 228 4.35 -0.34 4.77
C ARG B 228 3.38 0.83 5.04
N ASP B 229 2.97 0.97 6.29
CA ASP B 229 2.03 2.00 6.69
C ASP B 229 2.73 3.38 6.58
N PRO B 230 2.09 4.35 5.91
CA PRO B 230 2.70 5.67 5.68
C PRO B 230 2.86 6.47 6.97
N ILE B 231 2.05 6.14 7.97
CA ILE B 231 2.08 6.80 9.28
C ILE B 231 2.88 6.01 10.33
N PHE B 232 2.72 4.69 10.34
CA PHE B 232 3.32 3.85 11.37
C PHE B 232 4.57 3.11 10.91
N GLY B 233 4.92 3.25 9.64
CA GLY B 233 6.11 2.61 9.09
C GLY B 233 6.76 3.50 8.04
N ASN B 234 7.17 2.91 6.93
CA ASN B 234 7.72 3.71 5.83
C ASN B 234 6.89 3.59 4.56
N GLN B 235 6.69 4.71 3.88
CA GLN B 235 6.06 4.71 2.56
C GLN B 235 6.84 3.83 1.58
N ILE B 236 6.19 2.80 1.09
CA ILE B 236 6.87 1.87 0.17
C ILE B 236 7.03 2.52 -1.20
N ALA B 237 8.15 3.18 -1.41
CA ALA B 237 8.48 3.73 -2.73
C ALA B 237 9.74 3.14 -3.39
N PRO B 238 9.99 1.81 -3.21
CA PRO B 238 11.20 1.04 -3.53
C PRO B 238 12.51 1.73 -3.93
N ASP B 239 12.46 2.89 -4.59
CA ASP B 239 13.69 3.66 -4.84
C ASP B 239 14.29 4.17 -3.52
N THR B 240 14.34 3.31 -2.50
CA THR B 240 14.57 3.74 -1.15
C THR B 240 15.67 2.93 -0.51
N ALA B 241 16.65 3.61 0.06
CA ALA B 241 17.75 2.94 0.73
C ALA B 241 17.70 3.27 2.19
N ILE B 242 17.83 2.25 3.02
CA ILE B 242 17.88 2.49 4.45
C ILE B 242 19.18 1.90 4.97
N LEU B 243 19.61 2.35 6.14
CA LEU B 243 20.80 1.79 6.76
C LEU B 243 20.44 1.25 8.13
N SER B 244 20.77 -0.01 8.36
CA SER B 244 20.41 -0.66 9.61
C SER B 244 21.65 -1.27 10.27
N VAL B 245 21.73 -1.15 11.60
CA VAL B 245 22.84 -1.70 12.37
C VAL B 245 22.36 -2.70 13.42
N VAL B 246 21.10 -3.13 13.27
CA VAL B 246 20.47 -3.98 14.26
C VAL B 246 20.76 -5.47 14.03
N PRO B 247 21.00 -6.22 15.11
CA PRO B 247 21.20 -7.66 14.94
C PRO B 247 19.96 -8.30 14.33
N PHE B 248 20.19 -9.18 13.36
CA PHE B 248 19.09 -9.85 12.65
C PHE B 248 18.36 -10.92 13.47
N HIS B 249 19.07 -11.52 14.42
CA HIS B 249 18.54 -12.67 15.18
C HIS B 249 17.54 -12.26 16.27
N HIS B 250 17.49 -10.98 16.60
CA HIS B 250 16.56 -10.44 17.57
C HIS B 250 15.35 -9.86 16.82
N GLY B 251 14.22 -9.74 17.51
CA GLY B 251 12.99 -9.23 16.89
C GLY B 251 13.09 -7.84 16.27
N PHE B 252 13.87 -6.98 16.91
CA PHE B 252 14.12 -5.66 16.39
C PHE B 252 14.72 -5.79 14.99
N GLY B 253 15.80 -6.53 14.85
CA GLY B 253 16.42 -6.67 13.55
C GLY B 253 15.62 -7.47 12.56
N MET B 254 15.01 -8.54 13.04
CA MET B 254 14.33 -9.50 12.15
C MET B 254 13.10 -8.93 11.47
N PHE B 255 12.26 -8.22 12.22
CA PHE B 255 11.00 -7.77 11.64
C PHE B 255 11.02 -6.37 11.05
N THR B 256 12.07 -5.61 11.31
CA THR B 256 12.29 -4.40 10.53
C THR B 256 12.81 -4.78 9.16
N THR B 257 13.77 -5.70 9.11
CA THR B 257 14.40 -6.11 7.85
C THR B 257 13.39 -6.79 6.90
N LEU B 258 12.61 -7.71 7.44
CA LEU B 258 11.54 -8.35 6.69
C LEU B 258 10.62 -7.33 6.07
N GLY B 259 10.25 -6.32 6.84
CA GLY B 259 9.41 -5.24 6.34
C GLY B 259 10.11 -4.51 5.21
N TYR B 260 11.38 -4.16 5.42
CA TYR B 260 12.19 -3.53 4.37
C TYR B 260 12.22 -4.36 3.09
N LEU B 261 12.41 -5.69 3.22
CA LEU B 261 12.42 -6.59 2.07
C LEU B 261 11.09 -6.63 1.31
N ILE B 262 9.96 -6.74 2.03
CA ILE B 262 8.66 -6.75 1.35
C ILE B 262 8.39 -5.37 0.75
N SER B 263 9.06 -4.36 1.25
CA SER B 263 8.91 -3.00 0.72
C SER B 263 9.79 -2.72 -0.50
N GLY B 264 10.70 -3.62 -0.82
CA GLY B 264 11.59 -3.38 -1.96
C GLY B 264 12.78 -2.46 -1.71
N PHE B 265 13.07 -2.20 -0.43
CA PHE B 265 14.12 -1.25 -0.09
C PHE B 265 15.50 -1.87 -0.27
N ARG B 266 16.49 -1.03 -0.53
CA ARG B 266 17.89 -1.45 -0.48
C ARG B 266 18.32 -1.34 0.97
N VAL B 267 18.65 -2.49 1.58
CA VAL B 267 19.04 -2.49 2.98
C VAL B 267 20.56 -2.49 3.11
N VAL B 268 21.10 -1.34 3.48
CA VAL B 268 22.54 -1.18 3.65
C VAL B 268 22.91 -1.56 5.08
N LEU B 269 23.77 -2.57 5.22
CA LEU B 269 24.14 -3.06 6.55
C LEU B 269 25.47 -2.52 7.04
N MET B 270 25.51 -2.18 8.34
CA MET B 270 26.77 -2.04 9.08
C MET B 270 26.78 -2.95 10.30
N TYR B 271 27.90 -3.65 10.49
CA TYR B 271 28.07 -4.58 11.60
C TYR B 271 28.80 -3.84 12.72
N ARG B 272 30.13 -3.74 12.61
CA ARG B 272 30.90 -2.94 13.55
C ARG B 272 30.80 -1.44 13.22
N PHE B 273 30.02 -0.70 14.01
CA PHE B 273 29.83 0.73 13.77
C PHE B 273 31.16 1.51 13.73
N GLU B 274 31.20 2.57 12.92
CA GLU B 274 32.34 3.48 12.87
C GLU B 274 31.85 4.78 12.24
N GLU B 275 32.13 5.90 12.90
CA GLU B 275 31.52 7.18 12.50
C GLU B 275 31.68 7.53 11.01
N GLU B 276 32.91 7.61 10.51
CA GLU B 276 33.15 8.06 9.14
C GLU B 276 32.60 7.10 8.09
N LEU B 277 32.76 5.80 8.32
CA LEU B 277 32.19 4.80 7.43
C LEU B 277 30.66 4.92 7.43
N PHE B 278 30.11 5.12 8.63
CA PHE B 278 28.69 5.34 8.76
C PHE B 278 28.27 6.61 8.00
N LEU B 279 28.96 7.71 8.28
CA LEU B 279 28.56 8.99 7.70
C LEU B 279 28.76 9.05 6.19
N ARG B 280 29.77 8.40 5.67
CA ARG B 280 29.98 8.42 4.22
C ARG B 280 29.00 7.47 3.54
N SER B 281 28.57 6.44 4.26
CA SER B 281 27.59 5.52 3.72
C SER B 281 26.18 6.11 3.66
N LEU B 282 25.85 6.98 4.61
CA LEU B 282 24.58 7.67 4.57
C LEU B 282 24.52 8.56 3.34
N GLN B 283 25.71 9.02 2.95
CA GLN B 283 25.85 10.00 1.88
C GLN B 283 25.90 9.36 0.49
N ASP B 284 26.77 8.37 0.30
CA ASP B 284 26.96 7.71 -0.99
C ASP B 284 25.71 6.94 -1.41
N TYR B 285 25.15 6.19 -0.48
CA TYR B 285 23.99 5.38 -0.77
C TYR B 285 22.69 6.18 -0.71
N LYS B 286 22.81 7.46 -0.36
CA LYS B 286 21.66 8.38 -0.28
C LYS B 286 20.54 7.84 0.61
N ILE B 287 20.95 7.27 1.75
CA ILE B 287 20.01 6.73 2.73
C ILE B 287 18.93 7.74 3.11
N GLN B 288 17.68 7.30 3.10
CA GLN B 288 16.59 8.20 3.48
C GLN B 288 16.12 7.95 4.91
N SER B 289 16.46 6.78 5.43
CA SER B 289 16.02 6.38 6.76
C SER B 289 17.10 5.56 7.42
N ALA B 290 17.51 5.95 8.62
CA ALA B 290 18.51 5.17 9.35
C ALA B 290 17.89 4.44 10.55
N LEU B 291 18.22 3.16 10.70
CA LEU B 291 17.72 2.37 11.82
C LEU B 291 18.84 2.03 12.80
N LEU B 292 18.84 2.72 13.95
CA LEU B 292 19.93 2.59 14.90
C LEU B 292 19.50 2.12 16.28
N VAL B 293 20.47 1.74 17.08
CA VAL B 293 20.25 1.48 18.50
C VAL B 293 20.57 2.75 19.32
N PRO B 294 19.95 2.88 20.51
CA PRO B 294 20.10 4.18 21.17
C PRO B 294 21.46 4.37 21.85
N THR B 295 22.26 3.32 21.92
CA THR B 295 23.62 3.41 22.44
C THR B 295 24.52 4.28 21.53
N LEU B 296 24.14 4.38 20.26
CA LEU B 296 24.91 5.11 19.26
C LEU B 296 24.60 6.60 19.26
N PHE B 297 23.57 6.99 20.01
CA PHE B 297 23.08 8.36 19.93
C PHE B 297 23.98 9.37 20.66
N SER B 298 24.48 8.98 21.84
CA SER B 298 25.37 9.85 22.61
C SER B 298 26.65 10.19 21.82
N PHE B 299 27.30 9.17 21.27
CA PHE B 299 28.51 9.39 20.47
C PHE B 299 28.19 10.14 19.18
N LEU B 300 26.91 10.24 18.86
CA LEU B 300 26.48 10.85 17.61
C LEU B 300 26.03 12.30 17.77
N ALA B 301 25.53 12.65 18.95
CA ALA B 301 25.10 14.01 19.19
C ALA B 301 26.29 14.98 19.18
N LYS B 302 27.43 14.48 19.66
CA LYS B 302 28.65 15.28 19.73
C LYS B 302 29.64 14.88 18.62
N SER B 303 29.18 14.96 17.38
CA SER B 303 30.01 14.60 16.24
C SER B 303 30.27 15.80 15.34
N THR B 304 31.54 16.02 15.03
CA THR B 304 31.97 17.17 14.23
C THR B 304 32.30 16.78 12.79
N LEU B 305 31.63 15.75 12.31
CA LEU B 305 31.88 15.24 10.96
C LEU B 305 30.61 15.31 10.14
N ILE B 306 29.47 15.44 10.83
CA ILE B 306 28.14 15.43 10.21
C ILE B 306 27.95 16.52 9.15
N ASP B 307 28.36 17.75 9.47
CA ASP B 307 28.25 18.86 8.53
C ASP B 307 29.26 18.78 7.38
N LYS B 308 30.12 17.77 7.41
CA LYS B 308 31.11 17.54 6.36
C LYS B 308 30.63 16.52 5.32
N TYR B 309 29.32 16.21 5.34
CA TYR B 309 28.71 15.20 4.46
C TYR B 309 27.33 15.62 3.92
N ASP B 310 26.99 15.14 2.71
CA ASP B 310 25.68 15.46 2.10
C ASP B 310 24.58 14.53 2.58
N LEU B 311 23.84 14.97 3.60
CA LEU B 311 22.81 14.15 4.20
C LEU B 311 21.44 14.73 3.90
N SER B 312 21.34 15.38 2.74
CA SER B 312 20.08 15.94 2.27
C SER B 312 19.04 14.82 2.08
N ASN B 313 19.49 13.65 1.67
CA ASN B 313 18.56 12.54 1.44
C ASN B 313 17.95 11.99 2.74
N LEU B 314 18.62 12.19 3.88
CA LEU B 314 18.15 11.64 5.13
C LEU B 314 16.97 12.40 5.70
N HIS B 315 15.82 11.73 5.76
CA HIS B 315 14.60 12.36 6.26
C HIS B 315 14.13 11.70 7.55
N GLU B 316 14.80 10.59 7.92
CA GLU B 316 14.37 9.89 9.13
C GLU B 316 15.45 9.12 9.86
N ILE B 317 15.52 9.31 11.17
CA ILE B 317 16.28 8.42 12.03
C ILE B 317 15.37 7.76 13.04
N ALA B 318 15.42 6.45 13.11
CA ALA B 318 14.56 5.71 14.02
C ALA B 318 15.42 4.99 15.05
N SER B 319 14.89 4.86 16.24
CA SER B 319 15.54 4.13 17.32
C SER B 319 14.52 3.25 18.03
N GLY B 320 15.01 2.19 18.67
CA GLY B 320 14.15 1.30 19.41
C GLY B 320 14.95 0.31 20.24
N GLY B 321 14.23 -0.45 21.07
CA GLY B 321 14.86 -1.52 21.83
C GLY B 321 15.27 -1.13 23.25
N ALA B 322 15.40 0.16 23.54
CA ALA B 322 15.85 0.62 24.86
C ALA B 322 15.52 2.11 25.05
N PRO B 323 15.64 2.61 26.29
CA PRO B 323 15.16 3.99 26.36
C PRO B 323 16.11 4.97 25.69
N LEU B 324 15.50 5.98 25.08
CA LEU B 324 16.22 7.05 24.45
C LEU B 324 16.04 8.29 25.32
N SER B 325 17.17 8.88 25.68
CA SER B 325 17.18 10.14 26.41
C SER B 325 16.43 11.20 25.63
N LYS B 326 15.50 11.88 26.30
CA LYS B 326 14.70 12.90 25.67
C LYS B 326 15.58 13.99 25.04
N GLU B 327 16.73 14.24 25.65
CA GLU B 327 17.60 15.32 25.19
C GLU B 327 18.68 14.90 24.20
N VAL B 328 19.24 13.72 24.42
CA VAL B 328 20.17 13.16 23.43
C VAL B 328 19.41 13.05 22.12
N GLY B 329 18.12 12.73 22.24
CA GLY B 329 17.25 12.58 21.09
C GLY B 329 17.05 13.92 20.41
N GLU B 330 16.67 14.92 21.19
CA GLU B 330 16.47 16.26 20.65
C GLU B 330 17.76 16.79 20.03
N ALA B 331 18.89 16.43 20.62
CA ALA B 331 20.18 16.94 20.14
C ALA B 331 20.54 16.30 18.79
N VAL B 332 20.42 14.98 18.71
CA VAL B 332 20.71 14.27 17.47
C VAL B 332 19.78 14.70 16.32
N ALA B 333 18.52 14.96 16.67
CA ALA B 333 17.55 15.45 15.71
C ALA B 333 17.99 16.77 15.07
N LYS B 334 18.28 17.77 15.91
CA LYS B 334 18.69 19.10 15.45
C LYS B 334 19.93 19.03 14.56
N ARG B 335 20.90 18.22 14.97
CA ARG B 335 22.13 18.01 14.22
C ARG B 335 21.84 17.60 12.78
N PHE B 336 21.03 16.56 12.61
CA PHE B 336 20.72 16.00 11.29
C PHE B 336 19.53 16.66 10.61
N HIS B 337 19.06 17.76 11.17
CA HIS B 337 17.95 18.53 10.62
C HIS B 337 16.66 17.73 10.54
N LEU B 338 16.18 17.27 11.69
CA LEU B 338 15.01 16.41 11.74
C LEU B 338 13.96 16.98 12.71
N PRO B 339 12.68 16.67 12.45
CA PRO B 339 11.57 17.10 13.31
C PRO B 339 11.45 16.24 14.56
N GLY B 340 12.28 15.20 14.66
CA GLY B 340 12.23 14.30 15.80
C GLY B 340 12.94 13.00 15.49
N ILE B 341 13.14 12.18 16.52
CA ILE B 341 13.65 10.83 16.33
C ILE B 341 12.46 9.87 16.36
N ARG B 342 12.35 9.04 15.34
CA ARG B 342 11.27 8.07 15.26
C ARG B 342 11.59 6.97 16.25
N GLN B 343 10.59 6.59 17.04
CA GLN B 343 10.78 5.51 18.00
C GLN B 343 9.79 4.38 17.83
N GLY B 344 10.23 3.20 18.25
CA GLY B 344 9.38 2.03 18.35
C GLY B 344 9.68 1.33 19.66
N TYR B 345 8.64 0.79 20.26
CA TYR B 345 8.77 0.08 21.50
C TYR B 345 8.07 -1.24 21.29
N GLY B 346 8.74 -2.33 21.62
CA GLY B 346 8.16 -3.64 21.46
C GLY B 346 8.86 -4.65 22.34
N LEU B 347 8.37 -5.89 22.31
CA LEU B 347 9.03 -7.01 22.98
C LEU B 347 9.13 -8.16 21.99
N THR B 348 10.04 -9.09 22.26
CA THR B 348 10.12 -10.30 21.49
C THR B 348 8.76 -11.02 21.36
N GLU B 349 8.01 -11.06 22.46
CA GLU B 349 6.67 -11.67 22.52
C GLU B 349 5.56 -10.85 21.81
N THR B 350 5.83 -9.60 21.43
CA THR B 350 4.87 -8.85 20.59
C THR B 350 5.32 -8.82 19.14
N THR B 351 6.19 -9.76 18.76
CA THR B 351 6.77 -9.81 17.41
C THR B 351 7.63 -8.59 17.09
N SER B 352 7.00 -7.43 16.98
CA SER B 352 7.72 -6.21 16.64
C SER B 352 7.19 -5.07 17.50
N ALA B 353 7.34 -3.84 17.01
CA ALA B 353 6.97 -2.67 17.80
C ALA B 353 5.47 -2.51 17.82
N ILE B 354 4.90 -2.20 18.99
CA ILE B 354 3.45 -1.94 19.09
C ILE B 354 3.11 -0.52 19.57
N LEU B 355 4.13 0.22 19.95
CA LEU B 355 4.04 1.67 20.08
C LEU B 355 5.09 2.23 19.13
N ILE B 356 4.66 3.15 18.28
CA ILE B 356 5.51 3.70 17.23
C ILE B 356 5.16 5.17 17.09
N THR B 357 6.15 6.03 16.85
CA THR B 357 5.85 7.44 16.62
C THR B 357 5.19 7.61 15.25
N PRO B 358 3.95 8.11 15.23
CA PRO B 358 3.28 8.29 13.94
C PRO B 358 4.03 9.34 13.11
N LYS B 359 4.18 9.12 11.80
CA LYS B 359 4.82 10.12 10.96
C LYS B 359 4.06 11.44 11.11
N GLY B 360 4.81 12.51 11.36
CA GLY B 360 4.25 13.84 11.50
C GLY B 360 3.51 14.07 12.81
N ASP B 361 3.81 13.25 13.81
CA ASP B 361 3.12 13.38 15.09
C ASP B 361 4.12 13.28 16.23
N ASP B 362 5.24 13.99 16.07
CA ASP B 362 6.34 13.99 17.04
C ASP B 362 6.00 14.70 18.36
N LYS B 363 6.31 14.04 19.48
CA LYS B 363 6.08 14.59 20.81
C LYS B 363 7.30 14.19 21.63
N PRO B 364 8.19 15.15 21.90
CA PRO B 364 9.51 14.86 22.50
C PRO B 364 9.43 14.06 23.80
N GLY B 365 10.15 12.95 23.84
CA GLY B 365 10.16 12.09 25.02
C GLY B 365 9.18 10.94 24.96
N ALA B 366 8.21 11.01 24.04
CA ALA B 366 7.19 9.97 23.86
C ALA B 366 7.68 8.84 22.94
N VAL B 367 7.36 7.59 23.29
CA VAL B 367 7.70 6.47 22.40
C VAL B 367 6.63 6.11 21.39
N GLY B 368 5.72 7.04 21.11
CA GLY B 368 4.75 6.82 20.07
C GLY B 368 3.33 6.50 20.50
N LYS B 369 2.57 6.00 19.54
CA LYS B 369 1.18 5.66 19.78
C LYS B 369 0.94 4.18 19.50
N VAL B 370 -0.20 3.69 19.96
CA VAL B 370 -0.57 2.31 19.72
C VAL B 370 -0.75 2.06 18.24
N VAL B 371 -0.13 1.00 17.75
CA VAL B 371 -0.23 0.65 16.34
C VAL B 371 -1.58 0.00 15.97
N PRO B 372 -1.96 0.11 14.69
CA PRO B 372 -3.18 -0.54 14.18
C PRO B 372 -3.28 -2.00 14.59
N PHE B 373 -4.51 -2.43 14.91
CA PHE B 373 -4.82 -3.76 15.44
C PHE B 373 -4.47 -3.91 16.92
N PHE B 374 -3.76 -2.95 17.52
CA PHE B 374 -3.40 -3.12 18.91
C PHE B 374 -4.19 -2.31 19.94
N GLU B 375 -4.07 -2.73 21.19
CA GLU B 375 -4.63 -1.99 22.29
C GLU B 375 -3.58 -1.92 23.39
N ALA B 376 -3.64 -0.86 24.19
CA ALA B 376 -2.71 -0.74 25.30
C ALA B 376 -3.40 -0.05 26.45
N LYS B 377 -2.98 -0.41 27.64
CA LYS B 377 -3.47 0.22 28.83
C LYS B 377 -2.35 0.22 29.86
N VAL B 378 -2.55 0.97 30.93
CA VAL B 378 -1.65 0.93 32.04
C VAL B 378 -2.51 0.56 33.25
N VAL B 379 -1.99 -0.38 34.02
CA VAL B 379 -2.72 -0.89 35.16
C VAL B 379 -2.00 -0.55 36.46
N ASP B 380 -2.78 -0.52 37.53
CA ASP B 380 -2.26 -0.26 38.87
C ASP B 380 -1.37 -1.42 39.34
N LEU B 381 -0.21 -1.09 39.90
CA LEU B 381 0.77 -2.08 40.31
C LEU B 381 0.25 -3.06 41.37
N ASP B 382 -0.55 -2.55 42.31
CA ASP B 382 -1.04 -3.37 43.41
C ASP B 382 -2.31 -4.14 43.02
N THR B 383 -3.28 -3.43 42.44
CA THR B 383 -4.60 -4.01 42.18
C THR B 383 -4.76 -4.55 40.77
N GLY B 384 -4.04 -3.98 39.82
CA GLY B 384 -4.24 -4.32 38.42
C GLY B 384 -5.45 -3.63 37.80
N LYS B 385 -5.98 -2.63 38.50
CA LYS B 385 -7.10 -1.86 37.95
C LYS B 385 -6.63 -1.01 36.78
N THR B 386 -7.51 -0.76 35.83
CA THR B 386 -7.13 0.07 34.70
C THR B 386 -6.93 1.51 35.14
N LEU B 387 -5.76 2.07 34.84
CA LEU B 387 -5.50 3.47 35.16
C LEU B 387 -5.94 4.42 34.04
N GLY B 388 -6.16 5.68 34.41
CA GLY B 388 -6.60 6.72 33.50
C GLY B 388 -5.47 7.63 33.02
N VAL B 389 -5.84 8.73 32.36
CA VAL B 389 -4.89 9.60 31.68
C VAL B 389 -3.82 10.19 32.61
N ASN B 390 -2.58 10.18 32.14
CA ASN B 390 -1.43 10.71 32.87
C ASN B 390 -1.03 9.93 34.13
N GLN B 391 -1.62 8.76 34.35
CA GLN B 391 -1.26 7.96 35.51
C GLN B 391 -0.29 6.83 35.17
N ARG B 392 0.82 6.78 35.93
CA ARG B 392 1.86 5.75 35.81
C ARG B 392 1.40 4.37 36.26
N GLY B 393 1.67 3.36 35.43
CA GLY B 393 1.42 1.98 35.82
C GLY B 393 2.06 1.01 34.83
N GLU B 394 1.80 -0.27 35.03
CA GLU B 394 2.41 -1.26 34.17
C GLU B 394 1.75 -1.30 32.81
N LEU B 395 2.57 -1.08 31.78
CA LEU B 395 2.10 -1.11 30.40
C LEU B 395 1.61 -2.50 30.02
N SER B 396 0.35 -2.63 29.63
CA SER B 396 -0.11 -3.92 29.13
C SER B 396 -0.64 -3.78 27.71
N VAL B 397 -0.45 -4.82 26.89
CA VAL B 397 -0.90 -4.74 25.51
C VAL B 397 -1.56 -6.01 25.02
N ARG B 398 -2.38 -5.83 23.97
CA ARG B 398 -3.16 -6.90 23.39
C ARG B 398 -3.29 -6.63 21.90
N GLY B 399 -3.04 -7.64 21.09
CA GLY B 399 -3.16 -7.51 19.65
C GLY B 399 -2.61 -8.71 18.93
N PRO B 400 -2.82 -8.78 17.61
CA PRO B 400 -2.50 -10.01 16.85
C PRO B 400 -1.02 -10.26 16.49
N MET B 401 -0.09 -9.42 16.96
CA MET B 401 1.35 -9.75 16.86
C MET B 401 1.89 -10.37 18.16
N ILE B 402 0.98 -10.61 19.11
CA ILE B 402 1.37 -11.31 20.34
C ILE B 402 1.53 -12.78 20.05
N MET B 403 2.65 -13.34 20.51
CA MET B 403 2.99 -14.73 20.32
C MET B 403 1.83 -15.67 20.64
N SER B 404 1.79 -16.81 19.96
CA SER B 404 0.85 -17.86 20.30
C SER B 404 1.17 -18.36 21.70
N GLY B 405 2.45 -18.50 21.99
CA GLY B 405 2.85 -18.91 23.32
C GLY B 405 4.31 -19.27 23.35
N TYR B 406 4.87 -19.28 24.54
CA TYR B 406 6.19 -19.85 24.77
C TYR B 406 6.10 -21.32 24.41
N VAL B 407 7.02 -21.80 23.58
CA VAL B 407 6.98 -23.19 23.14
C VAL B 407 7.08 -24.16 24.32
N ASN B 408 6.13 -25.09 24.41
CA ASN B 408 6.09 -26.09 25.48
C ASN B 408 6.22 -25.49 26.91
N ASN B 409 5.68 -24.31 27.11
CA ASN B 409 5.70 -23.67 28.42
C ASN B 409 4.43 -22.85 28.67
N PRO B 410 3.27 -23.53 28.81
CA PRO B 410 1.99 -22.84 29.05
C PRO B 410 2.05 -21.98 30.30
N GLU B 411 2.58 -22.56 31.37
CA GLU B 411 2.69 -21.89 32.66
C GLU B 411 3.38 -20.51 32.53
N ALA B 412 4.59 -20.48 31.93
CA ALA B 412 5.27 -19.19 31.68
C ALA B 412 4.48 -18.25 30.76
N THR B 413 3.83 -18.81 29.74
CA THR B 413 2.94 -18.05 28.86
C THR B 413 1.81 -17.41 29.68
N ASN B 414 1.21 -18.20 30.56
CA ASN B 414 0.13 -17.73 31.41
C ASN B 414 0.54 -16.67 32.42
N ALA B 415 1.81 -16.69 32.82
CA ALA B 415 2.35 -15.66 33.72
C ALA B 415 2.50 -14.33 32.99
N LEU B 416 2.71 -14.39 31.67
CA LEU B 416 2.98 -13.17 30.93
C LEU B 416 1.71 -12.55 30.36
N ILE B 417 0.76 -13.41 30.00
CA ILE B 417 -0.45 -13.00 29.32
C ILE B 417 -1.66 -13.44 30.13
N ASP B 418 -2.39 -12.47 30.68
CA ASP B 418 -3.47 -12.72 31.62
C ASP B 418 -4.69 -13.41 30.99
N LYS B 419 -5.69 -13.71 31.81
CA LYS B 419 -6.92 -14.39 31.37
C LYS B 419 -7.63 -13.70 30.21
N ASP B 420 -7.45 -12.38 30.10
CA ASP B 420 -8.13 -11.60 29.05
C ASP B 420 -7.22 -11.31 27.86
N GLY B 421 -6.04 -11.91 27.84
CA GLY B 421 -5.16 -11.77 26.67
C GLY B 421 -4.26 -10.56 26.69
N TRP B 422 -4.15 -9.91 27.84
CA TRP B 422 -3.22 -8.80 27.96
C TRP B 422 -1.83 -9.33 28.28
N LEU B 423 -0.84 -8.90 27.51
CA LEU B 423 0.56 -9.16 27.82
C LEU B 423 1.08 -8.07 28.77
N HIS B 424 1.63 -8.48 29.92
CA HIS B 424 2.21 -7.54 30.90
C HIS B 424 3.69 -7.30 30.64
N SER B 425 4.06 -6.06 30.32
CA SER B 425 5.37 -5.80 29.72
C SER B 425 6.52 -5.67 30.70
N GLY B 426 6.18 -5.45 31.98
CA GLY B 426 7.17 -5.18 33.01
C GLY B 426 7.73 -3.76 32.96
N ASP B 427 7.10 -2.90 32.15
CA ASP B 427 7.55 -1.53 32.00
C ASP B 427 6.51 -0.61 32.57
N ILE B 428 6.96 0.53 33.08
CA ILE B 428 6.07 1.52 33.67
C ILE B 428 5.92 2.68 32.70
N ALA B 429 4.68 3.10 32.49
CA ALA B 429 4.36 4.06 31.44
C ALA B 429 3.13 4.88 31.78
N TYR B 430 2.87 5.92 30.99
CA TYR B 430 1.62 6.65 31.09
C TYR B 430 1.27 7.15 29.69
N TRP B 431 0.00 7.39 29.45
CA TRP B 431 -0.41 7.93 28.17
C TRP B 431 -1.14 9.25 28.44
N ASP B 432 -0.93 10.22 27.57
CA ASP B 432 -1.47 11.57 27.78
C ASP B 432 -2.79 11.83 27.04
N GLU B 433 -3.16 13.11 26.93
CA GLU B 433 -4.43 13.51 26.33
C GLU B 433 -4.48 13.21 24.82
N ASP B 434 -3.33 13.24 24.16
CA ASP B 434 -3.25 12.93 22.74
C ASP B 434 -2.89 11.45 22.45
N GLU B 435 -2.91 10.61 23.49
CA GLU B 435 -2.67 9.17 23.39
C GLU B 435 -1.20 8.82 23.09
N HIS B 436 -0.31 9.77 23.37
CA HIS B 436 1.13 9.51 23.35
C HIS B 436 1.53 8.71 24.57
N PHE B 437 2.48 7.79 24.41
CA PHE B 437 2.95 6.92 25.49
C PHE B 437 4.36 7.30 25.87
N PHE B 438 4.60 7.47 27.16
CA PHE B 438 5.93 7.73 27.69
C PHE B 438 6.33 6.56 28.57
N ILE B 439 7.50 5.98 28.31
CA ILE B 439 8.04 4.93 29.16
C ILE B 439 8.90 5.56 30.24
N VAL B 440 8.42 5.54 31.48
CA VAL B 440 9.09 6.28 32.56
C VAL B 440 9.93 5.41 33.50
N ASP B 441 9.65 4.11 33.56
CA ASP B 441 10.42 3.23 34.43
C ASP B 441 10.24 1.79 33.99
N ARG B 442 10.91 0.89 34.71
CA ARG B 442 10.88 -0.52 34.40
C ARG B 442 10.74 -1.33 35.67
N LEU B 443 9.63 -2.05 35.77
CA LEU B 443 9.33 -2.88 36.92
C LEU B 443 10.16 -4.16 36.91
N LYS B 444 10.34 -4.73 35.73
CA LYS B 444 11.02 -6.02 35.60
C LYS B 444 12.53 -5.90 35.76
N SER B 445 13.17 -7.04 35.98
CA SER B 445 14.61 -7.13 36.26
C SER B 445 15.54 -7.01 35.03
N LEU B 446 14.97 -7.14 33.83
CA LEU B 446 15.68 -6.91 32.55
C LEU B 446 16.84 -5.91 32.56
N ILE B 447 17.99 -6.37 32.10
CA ILE B 447 19.11 -5.47 31.85
C ILE B 447 19.51 -5.62 30.39
N LYS B 448 19.83 -4.49 29.77
CA LYS B 448 20.37 -4.54 28.43
C LYS B 448 21.71 -3.81 28.42
N TYR B 449 22.76 -4.56 28.12
CA TYR B 449 24.07 -3.97 27.92
C TYR B 449 24.38 -3.94 26.43
N LYS B 450 24.50 -2.73 25.87
CA LYS B 450 24.75 -2.55 24.44
C LYS B 450 23.79 -3.40 23.59
N GLY B 451 22.53 -3.44 24.01
CA GLY B 451 21.52 -4.21 23.31
C GLY B 451 21.36 -5.66 23.74
N CYS B 452 22.40 -6.27 24.30
CA CYS B 452 22.29 -7.68 24.65
C CYS B 452 21.62 -7.86 26.01
N GLN B 453 20.80 -8.89 26.14
CA GLN B 453 20.09 -9.12 27.38
C GLN B 453 20.93 -9.80 28.45
N VAL B 454 20.78 -9.33 29.69
CA VAL B 454 21.51 -9.89 30.83
C VAL B 454 20.56 -10.20 31.97
N ALA B 455 20.30 -11.48 32.22
CA ALA B 455 19.43 -11.87 33.33
C ALA B 455 20.19 -11.75 34.63
N PRO B 456 19.70 -10.89 35.54
CA PRO B 456 20.37 -10.68 36.83
C PRO B 456 20.47 -11.96 37.66
N ALA B 457 19.51 -12.87 37.47
CA ALA B 457 19.43 -14.10 38.26
C ALA B 457 20.65 -14.99 38.03
N GLU B 458 21.12 -15.02 36.78
CA GLU B 458 22.29 -15.81 36.44
C GLU B 458 23.54 -15.25 37.13
N LEU B 459 23.65 -13.92 37.22
CA LEU B 459 24.78 -13.31 37.93
C LEU B 459 24.64 -13.50 39.44
N GLU B 460 23.41 -13.48 39.93
CA GLU B 460 23.17 -13.66 41.34
C GLU B 460 23.58 -15.04 41.81
N SER B 461 23.23 -16.06 41.02
CA SER B 461 23.58 -17.44 41.31
C SER B 461 25.10 -17.67 41.38
N ILE B 462 25.84 -16.95 40.53
CA ILE B 462 27.30 -17.00 40.56
C ILE B 462 27.82 -16.29 41.80
N LEU B 463 27.20 -15.17 42.13
CA LEU B 463 27.57 -14.40 43.31
C LEU B 463 27.34 -15.20 44.59
N LEU B 464 26.23 -15.94 44.62
CA LEU B 464 25.87 -16.77 45.78
C LEU B 464 26.82 -17.93 45.97
N GLN B 465 27.26 -18.53 44.85
CA GLN B 465 28.18 -19.67 44.89
C GLN B 465 29.45 -19.32 45.67
N HIS B 466 29.79 -18.04 45.71
CA HIS B 466 30.99 -17.60 46.41
C HIS B 466 30.84 -17.69 47.93
N PRO B 467 31.87 -18.21 48.61
CA PRO B 467 31.86 -18.42 50.07
C PRO B 467 31.63 -17.14 50.87
N ASN B 468 32.41 -16.10 50.56
CA ASN B 468 32.34 -14.81 51.26
C ASN B 468 31.07 -14.04 50.98
N ILE B 469 30.21 -14.59 50.13
CA ILE B 469 28.99 -13.88 49.76
C ILE B 469 27.73 -14.53 50.33
N PHE B 470 27.00 -13.73 51.10
CA PHE B 470 25.76 -14.14 51.77
C PHE B 470 24.57 -13.98 50.83
N ASP B 471 24.35 -12.75 50.39
CA ASP B 471 23.25 -12.45 49.49
C ASP B 471 23.69 -11.37 48.53
N ALA B 472 23.19 -11.43 47.31
CA ALA B 472 23.46 -10.38 46.36
C ALA B 472 22.21 -10.04 45.56
N GLY B 473 22.25 -8.88 44.92
CA GLY B 473 21.20 -8.46 44.01
C GLY B 473 21.82 -7.71 42.86
N VAL B 474 21.43 -8.11 41.64
CA VAL B 474 21.98 -7.52 40.42
C VAL B 474 20.95 -6.65 39.72
N ALA B 475 21.40 -5.52 39.18
CA ALA B 475 20.53 -4.63 38.43
C ALA B 475 21.37 -3.80 37.47
N GLY B 476 20.69 -3.11 36.54
CA GLY B 476 21.37 -2.31 35.56
C GLY B 476 21.73 -0.91 36.04
N LEU B 477 23.00 -0.55 35.91
CA LEU B 477 23.44 0.80 36.21
C LEU B 477 23.39 1.63 34.93
N PRO B 478 22.59 2.71 34.93
CA PRO B 478 22.47 3.57 33.75
C PRO B 478 23.81 4.09 33.26
N ASP B 479 24.16 3.73 32.02
CA ASP B 479 25.36 4.27 31.36
C ASP B 479 25.01 4.90 30.01
N ASP B 480 25.81 5.86 29.57
CA ASP B 480 25.45 6.66 28.41
C ASP B 480 25.83 6.05 27.07
N ASP B 481 26.78 5.10 27.08
CA ASP B 481 27.28 4.56 25.81
C ASP B 481 26.98 3.08 25.67
N ALA B 482 26.59 2.45 26.78
CA ALA B 482 26.27 1.04 26.79
C ALA B 482 24.82 0.83 27.20
N GLY B 483 24.23 1.87 27.78
CA GLY B 483 22.83 1.86 28.19
C GLY B 483 22.65 1.45 29.64
N GLU B 484 23.06 0.23 29.94
CA GLU B 484 23.09 -0.25 31.31
C GLU B 484 24.39 -1.05 31.51
N LEU B 485 25.03 -0.83 32.65
CA LEU B 485 26.17 -1.66 33.04
C LEU B 485 25.68 -2.56 34.16
N PRO B 486 25.81 -3.88 33.97
CA PRO B 486 25.40 -4.81 35.03
C PRO B 486 26.22 -4.58 36.29
N ALA B 487 25.51 -4.43 37.41
CA ALA B 487 26.12 -4.11 38.68
C ALA B 487 25.39 -4.88 39.76
N ALA B 488 26.02 -5.01 40.92
CA ALA B 488 25.37 -5.76 41.99
C ALA B 488 25.47 -5.13 43.38
N VAL B 489 24.44 -5.35 44.17
CA VAL B 489 24.50 -5.09 45.59
C VAL B 489 24.84 -6.40 46.31
N VAL B 490 25.90 -6.36 47.12
CA VAL B 490 26.39 -7.58 47.78
C VAL B 490 26.40 -7.49 49.31
N VAL B 491 25.77 -8.47 49.96
CA VAL B 491 25.93 -8.65 51.40
C VAL B 491 27.03 -9.69 51.70
N LEU B 492 28.18 -9.22 52.18
CA LEU B 492 29.27 -10.13 52.60
C LEU B 492 28.83 -11.08 53.70
N GLU B 493 29.50 -12.23 53.79
CA GLU B 493 29.20 -13.15 54.87
C GLU B 493 29.77 -12.60 56.18
N HIS B 494 29.17 -13.03 57.30
CA HIS B 494 29.64 -12.62 58.62
C HIS B 494 31.13 -12.98 58.82
N GLY B 495 31.94 -11.95 59.03
CA GLY B 495 33.38 -12.14 59.23
C GLY B 495 34.21 -12.19 57.95
N LYS B 496 33.68 -12.83 56.90
CA LYS B 496 34.40 -12.92 55.62
C LYS B 496 34.53 -11.55 54.93
N THR B 497 35.31 -11.46 53.85
CA THR B 497 35.63 -10.17 53.25
C THR B 497 36.18 -10.18 51.80
N MET B 498 35.56 -9.38 50.91
CA MET B 498 36.08 -9.21 49.54
C MET B 498 36.08 -7.76 49.08
N THR B 499 37.04 -7.41 48.22
CA THR B 499 37.06 -6.12 47.57
C THR B 499 36.06 -6.10 46.41
N GLU B 500 35.77 -4.91 45.89
CA GLU B 500 34.90 -4.78 44.73
C GLU B 500 35.54 -5.51 43.54
N LYS B 501 36.82 -5.24 43.31
CA LYS B 501 37.55 -5.80 42.18
C LYS B 501 37.59 -7.33 42.23
N GLU B 502 37.81 -7.89 43.42
CA GLU B 502 37.88 -9.35 43.55
C GLU B 502 36.58 -9.99 43.11
N ILE B 503 35.46 -9.42 43.54
CA ILE B 503 34.15 -9.92 43.14
C ILE B 503 33.95 -9.75 41.64
N VAL B 504 34.38 -8.62 41.11
CA VAL B 504 34.27 -8.36 39.68
C VAL B 504 35.10 -9.36 38.87
N ASP B 505 36.34 -9.60 39.32
CA ASP B 505 37.22 -10.51 38.60
C ASP B 505 36.68 -11.93 38.64
N TYR B 506 36.12 -12.28 39.79
CA TYR B 506 35.54 -13.58 40.03
C TYR B 506 34.41 -13.84 39.05
N VAL B 507 33.49 -12.88 38.94
CA VAL B 507 32.37 -12.98 38.02
C VAL B 507 32.81 -12.98 36.56
N ALA B 508 33.76 -12.12 36.22
CA ALA B 508 34.35 -12.10 34.88
C ALA B 508 34.89 -13.49 34.45
N SER B 509 35.55 -14.18 35.37
CA SER B 509 36.04 -15.53 35.10
C SER B 509 34.93 -16.51 34.73
N GLN B 510 33.71 -16.20 35.15
CA GLN B 510 32.59 -17.13 35.06
C GLN B 510 31.62 -16.85 33.92
N VAL B 511 31.80 -15.73 33.22
CA VAL B 511 30.81 -15.31 32.24
C VAL B 511 31.36 -14.73 30.94
N THR B 512 30.52 -14.83 29.90
CA THR B 512 30.75 -14.21 28.59
C THR B 512 30.76 -12.69 28.74
N THR B 513 31.27 -12.02 27.71
CA THR B 513 31.66 -10.61 27.85
C THR B 513 30.52 -9.62 28.11
N ALA B 514 29.34 -9.91 27.57
CA ALA B 514 28.17 -9.06 27.78
C ALA B 514 27.72 -9.07 29.24
N LYS B 515 28.02 -10.16 29.94
CA LYS B 515 27.47 -10.40 31.26
C LYS B 515 28.42 -9.96 32.38
N LYS B 516 29.51 -9.29 31.99
CA LYS B 516 30.48 -8.83 32.98
C LYS B 516 29.92 -7.71 33.86
N LEU B 517 30.38 -7.65 35.10
CA LEU B 517 29.85 -6.73 36.10
C LEU B 517 30.54 -5.36 36.02
N ARG B 518 30.33 -4.68 34.89
CA ARG B 518 31.00 -3.42 34.57
C ARG B 518 30.42 -2.24 35.35
N GLY B 519 29.30 -2.46 36.00
CA GLY B 519 28.69 -1.44 36.85
C GLY B 519 29.26 -1.53 38.26
N GLY B 520 29.90 -2.66 38.56
CA GLY B 520 30.62 -2.82 39.80
C GLY B 520 29.82 -3.26 41.01
N VAL B 521 30.39 -3.04 42.19
CA VAL B 521 29.83 -3.58 43.42
C VAL B 521 29.54 -2.51 44.46
N VAL B 522 28.38 -2.65 45.09
CA VAL B 522 28.02 -1.80 46.20
C VAL B 522 27.60 -2.72 47.35
N PHE B 523 28.30 -2.58 48.48
CA PHE B 523 28.06 -3.47 49.62
C PHE B 523 26.93 -2.97 50.51
N VAL B 524 26.08 -3.89 50.95
CA VAL B 524 24.87 -3.56 51.68
C VAL B 524 24.62 -4.55 52.82
N ASP B 525 23.70 -4.19 53.71
CA ASP B 525 23.31 -5.06 54.82
C ASP B 525 22.22 -6.04 54.38
N GLU B 526 21.30 -5.58 53.52
CA GLU B 526 20.22 -6.44 53.04
C GLU B 526 19.93 -6.23 51.53
N VAL B 527 19.30 -7.23 50.91
CA VAL B 527 18.86 -7.12 49.53
C VAL B 527 17.33 -7.10 49.44
N PRO B 528 16.78 -5.99 48.88
CA PRO B 528 15.34 -5.70 48.85
C PRO B 528 14.56 -6.79 48.14
N LYS B 529 13.72 -7.50 48.89
CA LYS B 529 12.89 -8.55 48.30
C LYS B 529 11.40 -8.23 48.49
N GLY B 530 10.59 -8.61 47.51
CA GLY B 530 9.15 -8.46 47.61
C GLY B 530 8.58 -9.38 48.67
N LEU B 531 7.27 -9.31 48.87
CA LEU B 531 6.60 -10.12 49.90
C LEU B 531 6.86 -11.63 49.72
N THR B 532 6.78 -12.10 48.49
CA THR B 532 7.05 -13.50 48.16
C THR B 532 8.50 -13.86 48.43
N GLY B 533 9.40 -12.96 48.04
CA GLY B 533 10.82 -13.21 48.10
C GLY B 533 11.50 -12.68 46.86
N LYS B 534 10.70 -12.48 45.80
CA LYS B 534 11.19 -11.89 44.55
C LYS B 534 11.94 -10.59 44.82
N LEU B 535 13.10 -10.44 44.18
CA LEU B 535 13.96 -9.28 44.41
C LEU B 535 13.35 -8.01 43.83
N ASP B 536 13.56 -6.89 44.52
CA ASP B 536 13.04 -5.60 44.08
C ASP B 536 14.03 -4.86 43.17
N ALA B 537 13.81 -4.95 41.86
CA ALA B 537 14.76 -4.48 40.87
C ALA B 537 15.04 -2.98 40.92
N ARG B 538 14.00 -2.18 41.02
CA ARG B 538 14.21 -0.73 41.03
C ARG B 538 14.74 -0.24 42.37
N LYS B 539 14.37 -0.91 43.46
CA LYS B 539 14.96 -0.57 44.75
C LYS B 539 16.46 -0.81 44.62
N ILE B 540 16.83 -1.99 44.13
CA ILE B 540 18.23 -2.31 43.86
C ILE B 540 18.87 -1.28 42.94
N ARG B 541 18.15 -0.86 41.89
CA ARG B 541 18.67 0.16 40.98
C ARG B 541 18.91 1.47 41.71
N GLU B 542 17.94 1.85 42.55
CA GLU B 542 18.03 3.06 43.35
C GLU B 542 19.28 3.03 44.21
N ILE B 543 19.46 1.92 44.92
CA ILE B 543 20.67 1.67 45.68
C ILE B 543 21.93 1.87 44.82
N LEU B 544 21.98 1.20 43.67
CA LEU B 544 23.10 1.32 42.76
C LEU B 544 23.44 2.77 42.37
N ILE B 545 22.45 3.47 41.83
CA ILE B 545 22.67 4.85 41.37
C ILE B 545 23.11 5.75 42.52
N LYS B 546 22.54 5.54 43.70
CA LYS B 546 22.91 6.26 44.93
C LYS B 546 24.41 6.35 45.18
N ALA B 547 25.16 5.33 44.76
CA ALA B 547 26.63 5.37 44.76
C ALA B 547 27.17 6.41 43.77
N LYS B 548 26.97 6.16 42.47
CA LYS B 548 27.37 7.14 41.46
C LYS B 548 26.49 8.38 41.50
O39 SLU C . -14.54 3.96 -22.43
C16 SLU C . -15.04 3.67 -21.34
C14 SLU C . -14.26 3.54 -20.08
N15 SLU C . -12.97 3.59 -20.07
C13 SLU C . -14.95 3.37 -18.91
S12 SLU C . -13.67 3.30 -17.73
C11 SLU C . -12.38 3.50 -18.87
C8 SLU C . -11.02 3.51 -18.66
S9 SLU C . -9.85 3.41 -19.93
C4 SLU C . -8.45 3.44 -18.84
C5 SLU C . -7.06 3.44 -19.05
C6 SLU C . -6.21 3.48 -17.95
O10 SLU C . -4.82 3.46 -18.13
C3 SLU C . -9.04 3.53 -17.57
N7 SLU C . -10.35 3.56 -17.55
C2 SLU C . -8.14 3.58 -16.46
C1 SLU C . -6.75 3.56 -16.67
N40 SLU C . -16.46 3.44 -21.19
S17 SLU C . -17.51 3.60 -22.45
O18 SLU C . -17.57 4.99 -22.75
O19 SLU C . -18.82 3.20 -21.97
O20 SLU C . -17.11 2.83 -23.70
C21 SLU C . -16.68 1.48 -23.62
C22 SLU C . -16.14 1.06 -24.97
C23 SLU C . -15.61 -0.32 -25.01
O27 SLU C . -16.64 -1.24 -25.09
C24 SLU C . -14.82 -0.27 -26.24
O28 SLU C . -15.63 -0.30 -27.36
C25 SLU C . -14.24 1.09 -26.14
O26 SLU C . -15.09 1.92 -25.35
N35 SLU C . -12.93 1.10 -25.55
C32 SLU C . -11.78 0.72 -26.13
N31 SLU C . -11.45 0.22 -27.34
C30 SLU C . -10.19 -0.08 -27.62
N29 SLU C . -9.19 0.08 -26.74
C33 SLU C . -10.75 0.93 -25.18
C34 SLU C . -9.42 0.59 -25.53
N38 SLU C . -8.33 0.77 -24.61
N37 SLU C . -11.34 1.41 -24.09
C36 SLU C . -12.64 1.54 -24.30
O13 XLX D . -15.00 16.28 -26.99
C12 XLX D . -16.04 16.59 -27.56
C11 XLX D . -17.07 15.56 -27.94
N8 XLX D . -16.29 17.87 -27.86
C7 XLX D . -17.50 18.29 -28.53
C6 XLX D . -18.46 18.89 -27.51
N1 XLX D . -17.80 19.91 -26.70
C2 XLX D . -18.34 20.46 -25.60
O15 XLX D . -17.76 21.31 -24.94
C3 XLX D . -19.71 19.97 -25.20
S SO4 E . -31.59 26.93 1.91
O1 SO4 E . -30.23 27.49 1.75
O2 SO4 E . -32.55 28.05 1.92
O3 SO4 E . -31.91 26.06 0.78
O4 SO4 E . -31.69 26.17 3.16
S SO4 F . -19.64 -20.03 -11.79
O1 SO4 F . -18.75 -19.86 -12.95
O2 SO4 F . -18.93 -19.68 -10.57
O3 SO4 F . -20.79 -19.14 -11.90
O4 SO4 F . -20.02 -21.44 -11.76
O39 SLU G . 13.58 -4.95 22.50
C16 SLU G . 12.69 -5.60 21.99
C14 SLU G . 12.04 -5.31 20.69
N15 SLU G . 12.09 -4.16 20.08
C13 SLU G . 11.43 -6.39 20.10
S12 SLU G . 10.83 -5.73 18.60
C11 SLU G . 11.45 -4.12 18.92
C8 SLU G . 11.34 -3.04 18.08
S9 SLU G . 11.88 -1.43 18.49
C4 SLU G . 11.46 -0.75 16.91
C5 SLU G . 11.57 0.54 16.38
C6 SLU G . 11.14 0.76 15.08
O10 SLU G . 11.23 2.05 14.55
C3 SLU G . 10.92 -1.83 16.19
N7 SLU G . 10.89 -2.99 16.84
C2 SLU G . 10.48 -1.56 14.87
C1 SLU G . 10.60 -0.27 14.34
N40 SLU G . 12.22 -6.80 22.62
S17 SLU G . 12.96 -7.18 24.01
O18 SLU G . 14.28 -7.59 23.67
O19 SLU G . 12.31 -8.37 24.50
O20 SLU G . 13.00 -6.08 25.06
C21 SLU G . 11.79 -5.50 25.47
C22 SLU G . 12.12 -4.45 26.50
C23 SLU G . 10.91 -3.64 26.83
O27 SLU G . 10.09 -4.27 27.74
C24 SLU G . 11.51 -2.40 27.30
O28 SLU G . 11.88 -2.44 28.62
C25 SLU G . 12.72 -2.31 26.44
O26 SLU G . 13.07 -3.58 25.96
N35 SLU G . 12.46 -1.46 25.31
C32 SLU G . 12.35 -0.11 25.35
N31 SLU G . 12.47 0.78 26.35
C30 SLU G . 12.34 2.08 26.12
N29 SLU G . 12.10 2.56 24.90
C33 SLU G . 12.09 0.33 24.04
C34 SLU G . 11.97 1.73 23.83
N38 SLU G . 11.70 2.32 22.54
N37 SLU G . 12.05 -0.76 23.28
C36 SLU G . 12.25 -1.84 24.02
O13 XLX H . 26.38 -6.02 22.05
C12 XLX H . 26.89 -6.94 22.65
C11 XLX H . 26.12 -7.73 23.68
N8 XLX H . 28.16 -7.29 22.49
C7 XLX H . 28.79 -8.39 23.21
C6 XLX H . 28.77 -9.70 22.45
N1 XLX H . 29.60 -9.63 21.26
C2 XLX H . 29.72 -10.63 20.38
O15 XLX H . 30.44 -10.53 19.39
C3 XLX H . 28.93 -11.88 20.64
CL CL I . 26.63 1.27 -5.76
S SO4 J . 22.04 -35.15 1.88
O1 SO4 J . 23.09 -34.39 1.20
O2 SO4 J . 21.89 -34.67 3.26
O3 SO4 J . 20.79 -34.97 1.15
O4 SO4 J . 22.37 -36.57 1.90
S SO4 K . -11.22 -6.48 28.59
O1 SO4 K . -11.71 -7.43 27.57
O2 SO4 K . -10.98 -5.16 28.00
O3 SO4 K . -12.24 -6.32 29.64
O4 SO4 K . -10.00 -6.98 29.20
#